data_1LTK
#
_entry.id   1LTK
#
_cell.length_a   119.030
_cell.length_b   147.610
_cell.length_c   206.490
_cell.angle_alpha   90.00
_cell.angle_beta   90.00
_cell.angle_gamma   90.00
#
_symmetry.space_group_name_H-M   'I 2 2 2'
#
loop_
_entity.id
_entity.type
_entity.pdbx_description
1 polymer 'PHOSPHOGLYCERATE KINASE'
2 non-polymer 'SULFATE ION'
3 non-polymer 'ADENOSINE MONOPHOSPHATE'
4 non-polymer GLYCEROL
5 water water
#
_entity_poly.entity_id   1
_entity_poly.type   'polypeptide(L)'
_entity_poly.pdbx_seq_one_letter_code
;GHS(MSE)HHHHHHLGNKLSISDLKDIKNKKVLVRVDFNVPIENGIIKDTNRITATLPTINHLKKEGASKIILISHCGRP
DGLRNEKYTLKPVAETLKGLLGEEVLFLNDCVGKEVEDKINAAKENSVILLENLRFHIEEEGKGVDANGNKVKANKEDVE
KFQNDLTKLADVFINDAFGTAHRAHSS(MSE)VGVKLNVKASGFL(MSE)KKELEYFSKALENPQRPLLAILGGAKVSDK
IQLIKNLLDKVDR(MSE)IIGGG(MSE)AYTFKKVLNN(MSE)KIGTSLFDEAGSKIVGEI(MSE)EKAKAKNVQIFLPV
DFKIADNFDNNANTKFVTDEEGIPDNW(MSE)GLDAGPKSIENYKDVILTSKTVIWNGPQGVFE(MSE)PNFAKGSIECL
NLVVEVTKKGAITIVGGGDTASLVEQQNKKNEISHVSTGGGASLELLEGKELPGVLALSNK
;
_entity_poly.pdbx_strand_id   A,B,C
#
# COMPACT_ATOMS: atom_id res chain seq x y z
N HIS A 8 17.39 1.27 4.94
CA HIS A 8 16.66 2.56 5.17
C HIS A 8 17.60 3.75 5.52
N HIS A 9 17.11 4.98 5.33
CA HIS A 9 17.83 6.25 5.60
C HIS A 9 19.05 6.53 4.71
N HIS A 10 19.10 5.88 3.53
CA HIS A 10 20.19 6.04 2.55
C HIS A 10 20.38 7.54 2.17
N LEU A 11 19.28 8.24 1.92
CA LEU A 11 19.29 9.66 1.54
C LEU A 11 20.09 10.47 2.50
N GLY A 12 20.87 11.42 2.03
CA GLY A 12 21.66 12.18 2.97
C GLY A 12 22.66 11.28 3.66
N ASN A 13 23.47 11.87 4.54
CA ASN A 13 24.51 11.13 5.25
C ASN A 13 25.63 10.61 4.30
N LYS A 14 25.70 11.22 3.11
CA LYS A 14 26.69 10.89 2.07
C LYS A 14 27.91 11.78 2.11
N LEU A 15 28.69 11.86 1.05
CA LEU A 15 29.87 12.70 1.10
C LEU A 15 29.74 13.87 0.12
N SER A 16 30.23 15.05 0.50
CA SER A 16 30.13 16.21 -0.38
C SER A 16 31.43 16.97 -0.52
N ILE A 17 31.46 17.90 -1.47
CA ILE A 17 32.65 18.73 -1.73
C ILE A 17 33.05 19.24 -0.39
N SER A 18 32.12 19.98 0.19
CA SER A 18 32.28 20.53 1.50
C SER A 18 32.89 19.43 2.34
N ASP A 19 34.06 19.70 2.91
CA ASP A 19 34.70 18.71 3.76
C ASP A 19 35.31 17.54 2.96
N LEU A 20 36.07 17.91 1.95
CA LEU A 20 36.79 16.99 1.09
C LEU A 20 38.20 17.56 1.16
N LYS A 21 39.03 16.97 2.01
CA LYS A 21 40.43 17.40 2.19
C LYS A 21 41.29 16.85 1.04
N ASP A 22 42.44 17.46 0.76
CA ASP A 22 43.33 16.96 -0.32
C ASP A 22 42.71 17.02 -1.73
N ILE A 23 42.47 18.22 -2.21
CA ILE A 23 41.87 18.40 -3.50
C ILE A 23 42.91 19.10 -4.32
N LYS A 24 43.88 19.66 -3.62
CA LYS A 24 44.95 20.41 -4.28
C LYS A 24 45.73 19.53 -5.21
N ASN A 25 46.10 20.09 -6.36
CA ASN A 25 46.88 19.36 -7.34
C ASN A 25 46.25 18.06 -7.83
N LYS A 26 44.96 17.87 -7.57
CA LYS A 26 44.30 16.67 -8.03
C LYS A 26 43.44 16.97 -9.25
N LYS A 27 43.06 15.91 -9.96
CA LYS A 27 42.21 16.09 -11.13
C LYS A 27 40.82 15.70 -10.72
N VAL A 28 39.91 16.67 -10.71
CA VAL A 28 38.57 16.36 -10.34
C VAL A 28 37.66 16.34 -11.55
N LEU A 29 36.78 15.32 -11.59
CA LEU A 29 35.79 15.09 -12.66
C LEU A 29 34.45 15.42 -12.09
N VAL A 30 33.77 16.39 -12.71
CA VAL A 30 32.47 16.84 -12.25
C VAL A 30 31.36 16.59 -13.26
N ARG A 31 30.33 15.89 -12.78
CA ARG A 31 29.11 15.52 -13.55
C ARG A 31 28.02 16.52 -13.12
N VAL A 32 27.70 17.41 -14.06
CA VAL A 32 26.74 18.48 -13.86
C VAL A 32 25.56 18.43 -14.78
N ASP A 33 24.56 19.23 -14.45
CA ASP A 33 23.36 19.28 -15.24
C ASP A 33 23.37 20.46 -16.16
N PHE A 34 23.83 20.28 -17.40
CA PHE A 34 23.87 21.38 -18.34
C PHE A 34 22.79 21.24 -19.38
N ASN A 35 21.71 20.58 -19.09
CA ASN A 35 20.68 20.46 -20.13
C ASN A 35 19.91 21.77 -20.18
N VAL A 36 20.42 22.69 -20.97
CA VAL A 36 19.86 24.01 -21.01
C VAL A 36 19.11 24.30 -22.29
N PRO A 37 18.10 25.21 -22.22
CA PRO A 37 17.29 25.60 -23.40
C PRO A 37 18.09 26.49 -24.34
N ILE A 38 18.22 26.09 -25.59
CA ILE A 38 18.99 26.94 -26.46
C ILE A 38 18.38 27.18 -27.83
N GLU A 39 18.64 28.39 -28.33
CA GLU A 39 18.16 28.85 -29.65
C GLU A 39 19.32 29.40 -30.47
N ASN A 40 19.66 28.68 -31.54
CA ASN A 40 20.74 29.10 -32.45
C ASN A 40 22.03 29.35 -31.71
N GLY A 41 22.55 28.32 -31.09
CA GLY A 41 23.78 28.50 -30.35
C GLY A 41 23.69 29.58 -29.29
N ILE A 42 22.50 30.09 -28.99
CA ILE A 42 22.33 31.15 -27.96
C ILE A 42 21.60 30.61 -26.74
N ILE A 43 22.36 30.25 -25.71
CA ILE A 43 21.76 29.72 -24.50
C ILE A 43 20.82 30.75 -23.97
N LYS A 44 19.55 30.40 -23.78
CA LYS A 44 18.62 31.40 -23.28
C LYS A 44 18.11 31.19 -21.90
N ASP A 45 19.01 30.76 -21.03
CA ASP A 45 18.67 30.57 -19.63
C ASP A 45 19.87 29.97 -18.93
N THR A 46 20.76 30.82 -18.44
CA THR A 46 21.97 30.28 -17.84
C THR A 46 21.97 29.89 -16.38
N ASN A 47 20.80 29.69 -15.78
CA ASN A 47 20.75 29.30 -14.37
C ASN A 47 21.47 28.00 -14.10
N ARG A 48 21.18 26.98 -14.90
CA ARG A 48 21.82 25.71 -14.68
C ARG A 48 23.34 25.82 -14.73
N ILE A 49 23.84 26.76 -15.53
CA ILE A 49 25.26 26.94 -15.64
C ILE A 49 25.74 27.71 -14.42
N THR A 50 25.16 28.88 -14.16
CA THR A 50 25.55 29.65 -12.98
C THR A 50 25.48 28.77 -11.72
N ALA A 51 24.44 27.95 -11.57
CA ALA A 51 24.31 27.10 -10.39
C ALA A 51 25.50 26.24 -9.98
N THR A 52 26.28 25.77 -10.95
CA THR A 52 27.44 24.93 -10.68
C THR A 52 28.68 25.73 -10.37
N LEU A 53 28.59 27.06 -10.51
CA LEU A 53 29.74 27.96 -10.29
C LEU A 53 30.33 27.78 -8.93
N PRO A 54 29.48 27.71 -7.89
CA PRO A 54 29.93 27.53 -6.52
C PRO A 54 30.85 26.35 -6.39
N THR A 55 30.45 25.24 -7.02
CA THR A 55 31.24 24.02 -7.00
C THR A 55 32.52 24.27 -7.77
N ILE A 56 32.41 24.74 -9.01
CA ILE A 56 33.59 24.97 -9.81
C ILE A 56 34.55 25.90 -9.12
N ASN A 57 34.01 26.94 -8.49
CA ASN A 57 34.82 27.93 -7.80
C ASN A 57 35.53 27.36 -6.64
N HIS A 58 34.83 26.64 -5.80
CA HIS A 58 35.44 26.02 -4.66
C HIS A 58 36.63 25.17 -5.07
N LEU A 59 36.42 24.25 -6.01
CA LEU A 59 37.47 23.36 -6.49
C LEU A 59 38.69 24.12 -7.00
N LYS A 60 38.38 25.16 -7.76
CA LYS A 60 39.34 26.06 -8.35
C LYS A 60 40.25 26.71 -7.26
N LYS A 61 39.66 27.25 -6.19
CA LYS A 61 40.47 27.90 -5.17
C LYS A 61 40.93 26.89 -4.18
N GLU A 62 41.10 25.68 -4.60
CA GLU A 62 41.51 24.72 -3.64
C GLU A 62 42.66 24.02 -4.22
N GLY A 63 42.98 24.30 -5.47
CA GLY A 63 44.11 23.59 -6.04
C GLY A 63 43.76 22.96 -7.36
N ALA A 64 43.24 21.74 -7.33
CA ALA A 64 42.83 21.07 -8.57
C ALA A 64 43.72 21.37 -9.78
N SER A 65 44.48 20.38 -10.21
CA SER A 65 45.32 20.58 -11.37
C SER A 65 44.39 20.79 -12.54
N LYS A 66 43.25 20.12 -12.51
CA LYS A 66 42.32 20.26 -13.60
C LYS A 66 40.89 20.09 -13.11
N ILE A 67 39.96 20.65 -13.89
CA ILE A 67 38.55 20.53 -13.57
C ILE A 67 37.82 20.06 -14.83
N ILE A 68 37.74 18.74 -15.01
CA ILE A 68 37.08 18.16 -16.17
C ILE A 68 35.59 18.03 -15.91
N LEU A 69 34.80 18.72 -16.72
CA LEU A 69 33.35 18.69 -16.58
C LEU A 69 32.68 17.80 -17.63
N ILE A 70 31.77 16.94 -17.18
CA ILE A 70 31.02 16.06 -18.10
C ILE A 70 29.53 16.20 -17.85
N SER A 71 28.76 16.27 -18.93
CA SER A 71 27.32 16.39 -18.82
C SER A 71 26.54 16.03 -20.09
N HIS A 72 25.24 16.30 -20.10
CA HIS A 72 24.43 15.98 -21.28
C HIS A 72 23.40 17.02 -21.57
N CYS A 73 22.86 16.97 -22.76
CA CYS A 73 21.89 17.95 -23.15
C CYS A 73 20.97 17.30 -24.19
N GLY A 74 19.69 17.35 -23.90
CA GLY A 74 18.72 16.74 -24.80
C GLY A 74 18.74 15.22 -24.82
N ARG A 75 18.29 14.69 -25.95
CA ARG A 75 18.26 13.27 -26.09
C ARG A 75 18.71 12.85 -27.47
N PRO A 76 20.00 13.06 -27.77
CA PRO A 76 20.53 12.69 -29.08
C PRO A 76 20.34 11.20 -29.33
N ASP A 77 20.15 10.44 -28.27
CA ASP A 77 19.96 9.01 -28.40
C ASP A 77 21.13 8.23 -28.90
N GLY A 78 22.33 8.56 -28.48
CA GLY A 78 23.48 7.80 -28.91
C GLY A 78 24.14 8.20 -30.20
N LEU A 79 23.61 9.22 -30.85
CA LEU A 79 24.22 9.66 -32.10
C LEU A 79 24.48 11.15 -32.04
N ARG A 80 25.70 11.54 -32.39
CA ARG A 80 26.09 12.93 -32.40
C ARG A 80 25.07 13.77 -33.17
N ASN A 81 24.42 14.69 -32.49
CA ASN A 81 23.42 15.53 -33.10
C ASN A 81 23.84 16.97 -32.79
N GLU A 82 24.23 17.71 -33.80
CA GLU A 82 24.69 19.08 -33.62
C GLU A 82 23.70 20.00 -32.88
N LYS A 83 22.45 19.59 -32.77
CA LYS A 83 21.46 20.41 -32.10
C LYS A 83 21.58 20.29 -30.59
N TYR A 84 22.44 19.39 -30.15
CA TYR A 84 22.60 19.15 -28.74
C TYR A 84 24.03 19.17 -28.24
N THR A 85 24.88 19.97 -28.85
CA THR A 85 26.26 20.05 -28.42
C THR A 85 26.42 21.06 -27.31
N LEU A 86 27.33 20.77 -26.40
CA LEU A 86 27.62 21.61 -25.26
C LEU A 86 28.54 22.78 -25.61
N LYS A 87 29.00 22.88 -26.85
CA LYS A 87 29.91 23.95 -27.21
C LYS A 87 29.42 25.32 -26.72
N PRO A 88 28.23 25.72 -27.11
CA PRO A 88 27.78 27.03 -26.64
C PRO A 88 27.83 27.25 -25.13
N VAL A 89 27.83 26.19 -24.35
CA VAL A 89 27.90 26.37 -22.92
C VAL A 89 29.34 26.69 -22.51
N ALA A 90 30.31 26.16 -23.22
CA ALA A 90 31.68 26.42 -22.84
C ALA A 90 31.93 27.92 -22.97
N GLU A 91 31.30 28.55 -23.98
CA GLU A 91 31.50 29.97 -24.15
C GLU A 91 30.96 30.75 -22.98
N THR A 92 29.79 30.36 -22.50
CA THR A 92 29.17 30.98 -21.36
C THR A 92 30.07 30.94 -20.14
N LEU A 93 30.72 29.82 -19.92
CA LEU A 93 31.58 29.73 -18.77
C LEU A 93 32.82 30.64 -18.84
N LYS A 94 33.26 30.96 -20.05
CA LYS A 94 34.44 31.78 -20.15
C LYS A 94 34.21 33.13 -19.49
N GLY A 95 32.99 33.65 -19.69
CA GLY A 95 32.60 34.95 -19.16
C GLY A 95 32.19 34.89 -17.71
N LEU A 96 31.81 33.70 -17.25
CA LEU A 96 31.40 33.58 -15.87
C LEU A 96 32.59 33.35 -14.98
N LEU A 97 33.61 32.71 -15.53
CA LEU A 97 34.85 32.41 -14.82
C LEU A 97 35.88 33.46 -15.11
N GLY A 98 35.68 34.19 -16.17
CA GLY A 98 36.63 35.24 -16.46
C GLY A 98 37.96 34.74 -16.95
N GLU A 99 37.96 33.52 -17.46
CA GLU A 99 39.20 32.96 -17.97
C GLU A 99 38.88 32.06 -19.15
N GLU A 100 39.92 31.57 -19.81
CA GLU A 100 39.72 30.67 -20.94
C GLU A 100 39.16 29.31 -20.48
N VAL A 101 38.34 28.68 -21.31
CA VAL A 101 37.80 27.37 -20.93
C VAL A 101 38.11 26.47 -22.11
N LEU A 102 38.48 25.21 -21.87
CA LEU A 102 38.82 24.30 -22.97
C LEU A 102 37.64 23.44 -23.38
N PHE A 103 37.31 23.40 -24.66
CA PHE A 103 36.22 22.55 -25.07
C PHE A 103 36.73 21.37 -25.92
N LEU A 104 36.49 20.13 -25.48
CA LEU A 104 36.92 18.96 -26.27
C LEU A 104 35.69 18.31 -26.88
N ASN A 105 35.75 17.91 -28.14
CA ASN A 105 34.57 17.28 -28.70
C ASN A 105 34.67 15.81 -28.46
N ASP A 106 34.80 15.44 -27.20
CA ASP A 106 34.88 14.04 -26.83
C ASP A 106 34.78 13.84 -25.35
N CYS A 107 34.44 12.62 -24.92
CA CYS A 107 34.35 12.40 -23.49
C CYS A 107 35.48 11.53 -23.02
N VAL A 108 35.77 10.49 -23.77
CA VAL A 108 36.84 9.58 -23.40
C VAL A 108 37.75 9.39 -24.58
N GLY A 109 38.91 8.80 -24.28
CA GLY A 109 39.91 8.55 -25.32
C GLY A 109 41.33 8.93 -24.94
N LYS A 110 42.26 8.60 -25.83
CA LYS A 110 43.66 8.90 -25.61
C LYS A 110 43.90 10.42 -25.75
N GLU A 111 43.43 11.00 -26.84
CA GLU A 111 43.60 12.43 -27.08
C GLU A 111 42.99 13.28 -25.99
N VAL A 112 41.82 12.87 -25.52
CA VAL A 112 41.16 13.59 -24.46
C VAL A 112 42.12 13.65 -23.29
N GLU A 113 42.58 12.50 -22.82
CA GLU A 113 43.53 12.43 -21.70
C GLU A 113 44.77 13.25 -21.92
N ASP A 114 45.28 13.27 -23.15
CA ASP A 114 46.48 14.02 -23.47
C ASP A 114 46.16 15.49 -23.49
N LYS A 115 45.19 15.90 -24.29
CA LYS A 115 44.83 17.31 -24.33
C LYS A 115 44.54 17.84 -22.94
N ILE A 116 44.02 17.01 -22.05
CA ILE A 116 43.70 17.48 -20.71
C ILE A 116 44.98 17.80 -19.98
N ASN A 117 45.90 16.84 -19.96
CA ASN A 117 47.16 17.04 -19.26
C ASN A 117 47.98 18.19 -19.80
N ALA A 118 47.77 18.48 -21.07
CA ALA A 118 48.46 19.59 -21.68
C ALA A 118 47.50 20.79 -21.65
N ALA A 119 47.33 21.40 -20.48
CA ALA A 119 46.43 22.55 -20.38
C ALA A 119 46.77 23.27 -19.07
N LYS A 120 46.75 24.60 -19.09
CA LYS A 120 47.12 25.36 -17.90
C LYS A 120 46.85 24.65 -16.60
N GLU A 121 47.79 24.77 -15.67
CA GLU A 121 47.71 24.10 -14.39
C GLU A 121 46.43 24.27 -13.57
N ASN A 122 45.71 25.37 -13.70
CA ASN A 122 44.50 25.41 -12.91
C ASN A 122 43.31 25.64 -13.82
N SER A 123 43.36 25.01 -15.00
CA SER A 123 42.38 25.10 -16.07
C SER A 123 41.08 24.32 -15.84
N VAL A 124 40.02 24.77 -16.51
CA VAL A 124 38.72 24.11 -16.45
C VAL A 124 38.52 23.55 -17.85
N ILE A 125 38.15 22.29 -17.96
CA ILE A 125 37.91 21.72 -19.30
C ILE A 125 36.51 21.12 -19.41
N LEU A 126 35.84 21.37 -20.54
CA LEU A 126 34.48 20.87 -20.70
C LEU A 126 34.32 20.00 -21.91
N LEU A 127 34.24 18.67 -21.71
CA LEU A 127 34.05 17.65 -22.76
C LEU A 127 32.70 17.80 -23.46
N GLU A 128 32.44 17.02 -24.51
CA GLU A 128 31.16 17.14 -25.22
C GLU A 128 30.08 16.29 -24.55
N ASN A 129 28.86 16.39 -25.08
CA ASN A 129 27.67 15.70 -24.60
C ASN A 129 27.94 14.22 -24.39
N LEU A 130 27.71 13.68 -23.19
CA LEU A 130 27.96 12.26 -22.93
C LEU A 130 26.92 11.44 -23.72
N ARG A 131 25.71 11.96 -23.83
CA ARG A 131 24.66 11.24 -24.53
C ARG A 131 24.94 11.00 -26.02
N PHE A 132 26.13 11.31 -26.50
CA PHE A 132 26.41 11.02 -27.92
C PHE A 132 26.96 9.59 -27.97
N HIS A 133 27.18 9.01 -26.80
CA HIS A 133 27.69 7.65 -26.75
C HIS A 133 26.59 6.76 -26.24
N ILE A 134 26.16 5.84 -27.08
CA ILE A 134 25.10 4.99 -26.66
C ILE A 134 25.42 4.29 -25.36
N GLU A 135 26.68 4.00 -25.12
CA GLU A 135 27.04 3.36 -23.87
C GLU A 135 26.72 4.15 -22.59
N GLU A 136 26.27 5.40 -22.70
CA GLU A 136 25.98 6.22 -21.51
C GLU A 136 24.64 5.83 -20.94
N GLU A 137 23.61 5.90 -21.78
CA GLU A 137 22.30 5.51 -21.34
C GLU A 137 22.14 4.00 -21.44
N GLY A 138 22.84 3.37 -22.39
CA GLY A 138 22.75 1.93 -22.54
C GLY A 138 22.07 1.49 -23.82
N LYS A 139 21.04 2.22 -24.19
CA LYS A 139 20.26 1.97 -25.38
C LYS A 139 20.39 3.22 -26.24
N GLY A 140 19.69 3.30 -27.37
CA GLY A 140 19.80 4.47 -28.23
C GLY A 140 19.04 4.14 -29.48
N VAL A 141 19.22 4.90 -30.56
CA VAL A 141 18.56 4.63 -31.82
C VAL A 141 19.55 4.95 -32.93
N ASP A 142 19.25 4.52 -34.14
CA ASP A 142 20.13 4.74 -35.27
C ASP A 142 19.62 5.75 -36.23
N ALA A 143 20.29 5.83 -37.36
CA ALA A 143 19.93 6.80 -38.38
C ALA A 143 18.46 6.75 -38.77
N ASN A 144 18.00 5.54 -39.12
CA ASN A 144 16.65 5.31 -39.57
C ASN A 144 15.68 5.29 -38.37
N GLY A 145 16.18 5.72 -37.22
CA GLY A 145 15.34 5.75 -36.04
C GLY A 145 14.87 4.41 -35.55
N ASN A 146 15.79 3.50 -35.34
CA ASN A 146 15.39 2.22 -34.85
C ASN A 146 16.06 1.96 -33.53
N LYS A 147 15.31 1.43 -32.58
CA LYS A 147 15.85 1.16 -31.25
C LYS A 147 17.14 0.36 -31.35
N VAL A 148 18.17 0.72 -30.61
CA VAL A 148 19.43 -0.02 -30.68
C VAL A 148 20.04 -0.13 -29.29
N LYS A 149 20.57 -1.29 -28.91
CA LYS A 149 21.14 -1.42 -27.57
C LYS A 149 22.65 -1.49 -27.60
N ALA A 150 23.25 -0.91 -26.57
CA ALA A 150 24.70 -0.85 -26.42
C ALA A 150 25.31 -2.22 -26.26
N ASN A 151 26.63 -2.28 -26.28
CA ASN A 151 27.28 -3.55 -26.08
C ASN A 151 27.93 -3.55 -24.75
N LYS A 152 27.55 -4.52 -23.94
CA LYS A 152 28.09 -4.64 -22.60
C LYS A 152 29.61 -4.37 -22.49
N GLU A 153 30.40 -4.87 -23.43
CA GLU A 153 31.83 -4.65 -23.42
C GLU A 153 32.05 -3.16 -23.57
N ASP A 154 31.30 -2.56 -24.49
CA ASP A 154 31.43 -1.14 -24.76
C ASP A 154 31.08 -0.25 -23.61
N VAL A 155 30.02 -0.59 -22.91
CA VAL A 155 29.64 0.19 -21.77
C VAL A 155 30.75 0.09 -20.76
N GLU A 156 31.26 -1.12 -20.53
CA GLU A 156 32.33 -1.28 -19.56
C GLU A 156 33.54 -0.46 -19.97
N LYS A 157 33.87 -0.50 -21.25
CA LYS A 157 35.02 0.26 -21.72
C LYS A 157 34.78 1.76 -21.48
N PHE A 158 33.59 2.24 -21.80
CA PHE A 158 33.24 3.63 -21.59
C PHE A 158 33.31 4.08 -20.13
N GLN A 159 32.88 3.22 -19.21
CA GLN A 159 32.92 3.58 -17.81
C GLN A 159 34.36 3.67 -17.29
N ASN A 160 35.26 2.83 -17.77
CA ASN A 160 36.61 2.93 -17.26
C ASN A 160 37.33 4.05 -17.94
N ASP A 161 36.93 4.35 -19.16
CA ASP A 161 37.58 5.43 -19.87
C ASP A 161 37.30 6.73 -19.12
N LEU A 162 36.10 6.82 -18.54
CA LEU A 162 35.71 7.99 -17.78
C LEU A 162 36.48 7.98 -16.48
N THR A 163 36.53 6.85 -15.80
CA THR A 163 37.25 6.72 -14.55
C THR A 163 38.73 7.07 -14.73
N LYS A 164 39.25 7.02 -15.96
CA LYS A 164 40.67 7.35 -16.21
C LYS A 164 40.88 8.85 -16.37
N LEU A 165 39.81 9.59 -16.45
CA LEU A 165 39.89 11.02 -16.62
C LEU A 165 40.40 11.76 -15.44
N ALA A 166 40.09 11.31 -14.23
CA ALA A 166 40.54 12.04 -13.05
C ALA A 166 40.80 11.18 -11.88
N ASP A 167 41.02 11.84 -10.75
CA ASP A 167 41.31 11.21 -9.46
C ASP A 167 40.11 11.21 -8.52
N VAL A 168 39.41 12.34 -8.46
CA VAL A 168 38.26 12.48 -7.59
C VAL A 168 37.04 12.66 -8.46
N PHE A 169 35.86 12.36 -7.95
CA PHE A 169 34.67 12.53 -8.74
C PHE A 169 33.56 13.18 -7.90
N ILE A 170 33.02 14.28 -8.40
CA ILE A 170 31.99 14.96 -7.67
C ILE A 170 30.78 14.92 -8.56
N ASN A 171 29.63 14.52 -8.02
CA ASN A 171 28.41 14.43 -8.80
C ASN A 171 27.51 15.55 -8.35
N ASP A 172 27.21 16.47 -9.28
CA ASP A 172 26.37 17.60 -8.96
C ASP A 172 25.16 17.50 -9.85
N ALA A 173 24.73 16.29 -10.16
CA ALA A 173 23.59 16.15 -11.03
C ALA A 173 22.46 15.36 -10.45
N PHE A 174 21.75 15.90 -9.47
CA PHE A 174 20.57 15.24 -8.92
C PHE A 174 19.65 15.17 -10.14
N GLY A 175 18.35 15.05 -9.94
CA GLY A 175 17.46 15.06 -11.11
C GLY A 175 17.74 14.10 -12.26
N THR A 176 18.86 13.40 -12.18
CA THR A 176 19.16 12.45 -13.20
C THR A 176 19.80 11.29 -12.47
N ALA A 177 19.65 11.25 -11.17
CA ALA A 177 20.22 10.17 -10.40
C ALA A 177 19.24 8.98 -10.30
N HIS A 178 18.02 9.13 -10.78
CA HIS A 178 17.13 8.00 -10.69
C HIS A 178 17.47 7.05 -11.81
N ARG A 179 18.24 7.48 -12.79
CA ARG A 179 18.57 6.56 -13.86
C ARG A 179 19.95 6.05 -13.49
N ALA A 180 20.29 4.83 -13.90
CA ALA A 180 21.61 4.28 -13.63
C ALA A 180 22.40 4.31 -14.90
N HIS A 181 22.83 5.49 -15.32
CA HIS A 181 23.60 5.60 -16.55
C HIS A 181 25.11 5.62 -16.28
N SER A 182 25.91 5.32 -17.29
CA SER A 182 27.37 5.27 -17.13
C SER A 182 28.01 6.36 -16.31
N SER A 183 27.49 7.56 -16.39
CA SER A 183 28.10 8.65 -15.66
C SER A 183 27.45 8.81 -14.30
N VAL A 185 26.72 5.81 -12.29
CA VAL A 185 27.20 4.70 -11.50
C VAL A 185 28.44 4.05 -12.12
N GLY A 186 29.00 4.65 -13.16
CA GLY A 186 30.17 4.07 -13.80
C GLY A 186 31.53 4.59 -13.34
N VAL A 187 31.65 5.88 -13.06
CA VAL A 187 32.95 6.42 -12.63
C VAL A 187 33.34 5.71 -11.34
N LYS A 188 34.04 4.59 -11.48
CA LYS A 188 34.45 3.86 -10.30
C LYS A 188 35.72 4.47 -9.72
N LEU A 189 35.65 5.63 -9.06
CA LEU A 189 36.86 6.20 -8.43
C LEU A 189 36.66 6.02 -6.98
N ASN A 190 37.71 6.21 -6.21
CA ASN A 190 37.57 6.00 -4.81
C ASN A 190 36.77 7.09 -4.09
N VAL A 191 37.05 8.34 -4.44
CA VAL A 191 36.37 9.43 -3.82
C VAL A 191 35.19 9.91 -4.65
N LYS A 192 34.00 9.73 -4.14
CA LYS A 192 32.83 10.16 -4.85
C LYS A 192 32.06 11.01 -3.84
N ALA A 193 31.77 12.24 -4.22
CA ALA A 193 31.07 13.19 -3.37
C ALA A 193 30.06 14.02 -4.15
N SER A 194 29.14 14.64 -3.44
CA SER A 194 28.13 15.44 -4.10
C SER A 194 28.61 16.90 -4.29
N GLY A 195 28.06 17.54 -5.30
CA GLY A 195 28.38 18.93 -5.57
C GLY A 195 27.49 19.74 -4.65
N PHE A 196 27.76 21.03 -4.53
CA PHE A 196 26.94 21.84 -3.64
C PHE A 196 25.48 21.73 -3.95
N LEU A 197 25.13 21.66 -5.23
CA LEU A 197 23.74 21.55 -5.67
C LEU A 197 23.12 20.27 -5.18
N LYS A 199 24.23 18.08 -2.95
CA LYS A 199 24.26 18.06 -1.50
C LYS A 199 23.07 18.75 -0.92
N LYS A 200 22.68 19.87 -1.51
CA LYS A 200 21.51 20.61 -1.02
C LYS A 200 20.28 19.76 -1.16
N GLU A 201 20.05 19.23 -2.35
CA GLU A 201 18.88 18.41 -2.58
C GLU A 201 18.84 17.28 -1.57
N LEU A 202 19.87 16.44 -1.56
CA LEU A 202 19.89 15.32 -0.63
C LEU A 202 19.67 15.74 0.76
N GLU A 203 19.94 17.00 1.05
CA GLU A 203 19.77 17.48 2.41
C GLU A 203 18.34 17.76 2.79
N TYR A 204 17.64 18.49 1.96
CA TYR A 204 16.26 18.82 2.24
C TYR A 204 15.30 17.67 2.10
N PHE A 205 15.61 16.70 1.26
CA PHE A 205 14.69 15.61 1.12
C PHE A 205 14.68 14.69 2.29
N SER A 206 15.86 14.33 2.78
CA SER A 206 15.95 13.43 3.91
C SER A 206 15.43 14.16 5.13
N LYS A 207 15.64 15.46 5.15
CA LYS A 207 15.20 16.26 6.27
C LYS A 207 13.68 16.23 6.25
N ALA A 208 13.09 15.72 5.18
CA ALA A 208 11.65 15.71 5.07
C ALA A 208 11.01 14.37 4.90
N LEU A 209 11.79 13.38 4.51
CA LEU A 209 11.28 12.04 4.32
C LEU A 209 11.74 11.07 5.39
N GLU A 210 12.88 11.38 6.01
CA GLU A 210 13.44 10.52 7.05
C GLU A 210 12.93 10.87 8.42
N ASN A 211 13.16 12.08 8.85
CA ASN A 211 12.62 12.38 10.14
C ASN A 211 12.27 13.83 10.18
N PRO A 212 11.08 14.16 9.68
CA PRO A 212 10.59 15.53 9.62
C PRO A 212 9.86 15.97 10.86
N GLN A 213 9.80 17.28 11.06
CA GLN A 213 9.10 17.85 12.20
C GLN A 213 7.65 17.84 11.79
N ARG A 214 6.84 17.11 12.56
CA ARG A 214 5.43 16.99 12.31
C ARG A 214 4.63 18.20 12.77
N PRO A 215 3.43 18.38 12.19
CA PRO A 215 2.84 17.49 11.18
C PRO A 215 3.45 17.71 9.76
N LEU A 216 3.62 16.63 8.99
CA LEU A 216 4.19 16.70 7.64
C LEU A 216 3.02 16.91 6.71
N LEU A 217 3.06 17.90 5.82
CA LEU A 217 1.92 18.10 4.93
C LEU A 217 2.25 17.82 3.53
N ALA A 218 1.44 17.01 2.85
CA ALA A 218 1.66 16.72 1.45
C ALA A 218 0.54 17.36 0.62
N ILE A 219 0.90 18.29 -0.25
CA ILE A 219 -0.09 18.92 -1.11
C ILE A 219 0.07 18.33 -2.52
N LEU A 220 -0.89 17.54 -2.99
CA LEU A 220 -0.79 16.96 -4.33
C LEU A 220 -1.82 17.61 -5.21
N GLY A 221 -1.57 17.63 -6.51
CA GLY A 221 -2.49 18.25 -7.45
C GLY A 221 -2.20 17.78 -8.86
N GLY A 222 -3.12 18.03 -9.81
CA GLY A 222 -2.91 17.62 -11.19
C GLY A 222 -4.13 16.90 -11.74
N ALA A 223 -4.39 16.96 -13.04
CA ALA A 223 -5.58 16.29 -13.59
C ALA A 223 -5.64 14.79 -13.34
N LYS A 224 -4.57 14.09 -13.65
CA LYS A 224 -4.58 12.65 -13.49
C LYS A 224 -4.44 12.12 -12.06
N VAL A 225 -5.12 11.05 -11.74
CA VAL A 225 -4.92 10.48 -10.43
C VAL A 225 -4.31 9.13 -10.70
N SER A 226 -4.45 8.62 -11.93
CA SER A 226 -3.93 7.31 -12.31
C SER A 226 -2.41 7.20 -12.31
N ASP A 227 -1.73 8.29 -12.66
CA ASP A 227 -0.28 8.31 -12.67
C ASP A 227 0.31 8.84 -11.36
N LYS A 228 -0.41 8.70 -10.26
CA LYS A 228 0.07 9.18 -8.98
C LYS A 228 -0.18 8.17 -7.86
N ILE A 229 -0.76 7.04 -8.23
CA ILE A 229 -1.09 6.02 -7.24
C ILE A 229 0.15 5.71 -6.43
N GLN A 230 1.24 5.39 -7.10
CA GLN A 230 2.50 5.06 -6.47
C GLN A 230 2.98 6.21 -5.55
N LEU A 231 2.95 7.42 -6.05
CA LEU A 231 3.38 8.56 -5.25
C LEU A 231 2.52 8.67 -4.02
N ILE A 232 1.21 8.79 -4.23
CA ILE A 232 0.27 8.90 -3.14
C ILE A 232 0.45 7.81 -2.11
N LYS A 233 0.39 6.55 -2.51
CA LYS A 233 0.54 5.53 -1.50
C LYS A 233 1.82 5.68 -0.74
N ASN A 234 2.94 5.65 -1.45
CA ASN A 234 4.22 5.73 -0.75
C ASN A 234 4.34 6.84 0.26
N LEU A 235 3.45 7.80 0.15
CA LEU A 235 3.51 8.91 1.06
C LEU A 235 2.56 8.65 2.21
N LEU A 236 1.37 8.12 1.92
CA LEU A 236 0.41 7.89 2.99
C LEU A 236 1.06 7.20 4.15
N ASP A 237 2.08 6.42 3.90
CA ASP A 237 2.65 5.81 5.06
C ASP A 237 3.86 6.60 5.51
N LYS A 238 3.72 7.90 5.71
CA LYS A 238 4.85 8.70 6.24
C LYS A 238 4.50 10.14 6.45
N VAL A 239 3.28 10.49 6.10
CA VAL A 239 2.85 11.85 6.24
C VAL A 239 1.72 11.90 7.22
N ASP A 240 1.40 13.10 7.68
CA ASP A 240 0.31 13.26 8.63
C ASP A 240 -0.97 13.83 8.02
N ARG A 241 -0.84 14.78 7.11
CA ARG A 241 -2.00 15.42 6.48
C ARG A 241 -1.74 15.37 4.99
N ILE A 243 -3.44 17.14 1.17
CA ILE A 243 -4.48 17.84 0.47
C ILE A 243 -4.49 17.33 -0.96
N ILE A 244 -5.63 16.85 -1.41
CA ILE A 244 -5.69 16.38 -2.77
C ILE A 244 -6.47 17.40 -3.59
N GLY A 245 -5.86 17.99 -4.60
CA GLY A 245 -6.58 18.95 -5.36
C GLY A 245 -6.42 18.89 -6.86
N GLY A 246 -7.16 19.77 -7.55
CA GLY A 246 -7.07 19.85 -8.97
C GLY A 246 -7.45 18.77 -9.98
N GLY A 247 -8.72 18.50 -10.18
CA GLY A 247 -9.04 17.51 -11.21
C GLY A 247 -9.10 16.20 -10.54
N ALA A 249 -9.38 15.77 -7.39
CA ALA A 249 -10.50 15.88 -6.48
C ALA A 249 -11.77 15.38 -7.10
N TYR A 250 -12.07 15.85 -8.31
CA TYR A 250 -13.30 15.41 -8.91
C TYR A 250 -13.46 13.90 -8.88
N THR A 251 -12.44 13.16 -9.32
CA THR A 251 -12.53 11.70 -9.33
C THR A 251 -12.83 11.12 -7.93
N PHE A 252 -12.17 11.67 -6.92
CA PHE A 252 -12.37 11.28 -5.51
C PHE A 252 -13.78 11.64 -5.05
N LYS A 253 -14.19 12.87 -5.36
CA LYS A 253 -15.51 13.34 -4.96
C LYS A 253 -16.63 12.54 -5.55
N LYS A 254 -16.43 11.90 -6.71
CA LYS A 254 -17.52 11.14 -7.28
C LYS A 254 -17.55 9.75 -6.67
N VAL A 255 -16.37 9.16 -6.53
CA VAL A 255 -16.28 7.84 -5.97
C VAL A 255 -16.66 7.86 -4.51
N LEU A 256 -16.33 8.93 -3.79
CA LEU A 256 -16.63 8.94 -2.39
C LEU A 256 -17.92 9.55 -1.92
N ASN A 257 -18.37 10.60 -2.61
CA ASN A 257 -19.55 11.32 -2.19
C ASN A 257 -20.68 11.30 -3.21
N ASN A 258 -20.46 10.63 -4.34
CA ASN A 258 -21.51 10.54 -5.35
C ASN A 258 -21.81 11.92 -5.86
N LYS A 260 -22.08 15.08 -8.20
CA LYS A 260 -22.40 15.32 -9.60
C LYS A 260 -21.24 16.17 -10.14
N ILE A 261 -20.28 15.49 -10.72
CA ILE A 261 -19.08 16.10 -11.21
C ILE A 261 -19.33 16.95 -12.44
N GLY A 262 -20.46 16.77 -13.09
CA GLY A 262 -20.73 17.54 -14.30
C GLY A 262 -19.84 17.04 -15.42
N THR A 263 -19.14 17.95 -16.06
CA THR A 263 -18.23 17.65 -17.18
C THR A 263 -16.82 17.59 -16.65
N SER A 264 -16.64 17.88 -15.38
CA SER A 264 -15.29 17.91 -14.86
C SER A 264 -14.48 16.69 -15.28
N LEU A 265 -13.17 16.78 -15.21
CA LEU A 265 -12.32 15.67 -15.59
C LEU A 265 -12.57 14.47 -14.72
N PHE A 266 -12.73 13.30 -15.33
CA PHE A 266 -12.89 12.09 -14.50
C PHE A 266 -11.89 11.02 -14.92
N ASP A 267 -11.08 10.52 -13.97
CA ASP A 267 -10.09 9.50 -14.29
C ASP A 267 -10.64 8.08 -14.15
N GLU A 268 -11.05 7.47 -15.26
CA GLU A 268 -11.62 6.14 -15.20
C GLU A 268 -10.68 5.20 -14.48
N ALA A 269 -9.45 5.07 -14.95
CA ALA A 269 -8.50 4.20 -14.29
C ALA A 269 -8.37 4.52 -12.80
N GLY A 270 -8.13 5.77 -12.43
CA GLY A 270 -7.98 6.09 -11.02
C GLY A 270 -9.20 5.87 -10.15
N SER A 271 -10.36 6.00 -10.75
CA SER A 271 -11.59 5.83 -10.00
C SER A 271 -11.59 4.47 -9.35
N LYS A 272 -10.68 3.60 -9.79
CA LYS A 272 -10.64 2.28 -9.22
C LYS A 272 -9.68 2.12 -8.05
N ILE A 273 -8.81 3.09 -7.85
CA ILE A 273 -7.89 2.98 -6.75
C ILE A 273 -8.30 3.92 -5.63
N VAL A 274 -9.44 4.58 -5.78
CA VAL A 274 -9.89 5.51 -4.74
C VAL A 274 -10.25 4.76 -3.48
N GLY A 275 -10.82 3.57 -3.60
CA GLY A 275 -11.17 2.83 -2.42
C GLY A 275 -9.93 2.50 -1.61
N GLU A 276 -8.93 1.89 -2.26
CA GLU A 276 -7.68 1.50 -1.61
C GLU A 276 -7.05 2.65 -0.88
N ILE A 277 -6.99 3.82 -1.50
CA ILE A 277 -6.34 4.98 -0.90
C ILE A 277 -6.99 5.44 0.36
N GLU A 279 -8.85 3.94 2.22
CA GLU A 279 -8.78 2.89 3.19
C GLU A 279 -7.44 2.97 3.92
N LYS A 280 -6.35 2.96 3.16
CA LYS A 280 -5.00 3.03 3.72
C LYS A 280 -4.81 4.31 4.48
N ALA A 281 -5.43 5.36 3.96
CA ALA A 281 -5.31 6.66 4.60
C ALA A 281 -5.90 6.53 5.99
N LYS A 282 -7.11 5.97 6.10
CA LYS A 282 -7.75 5.78 7.42
C LYS A 282 -6.88 4.86 8.31
N ALA A 283 -6.45 3.75 7.74
CA ALA A 283 -5.58 2.82 8.46
C ALA A 283 -4.33 3.57 8.91
N LYS A 284 -3.68 4.33 8.03
CA LYS A 284 -2.48 4.99 8.50
C LYS A 284 -2.76 6.22 9.32
N ASN A 285 -4.02 6.49 9.56
CA ASN A 285 -4.40 7.66 10.33
C ASN A 285 -3.95 9.00 9.71
N VAL A 286 -4.13 9.12 8.40
CA VAL A 286 -3.76 10.32 7.70
C VAL A 286 -5.02 11.08 7.36
N GLN A 287 -5.01 12.39 7.57
CA GLN A 287 -6.18 13.17 7.24
C GLN A 287 -6.22 13.56 5.77
N ILE A 288 -7.31 13.28 5.10
CA ILE A 288 -7.41 13.68 3.72
C ILE A 288 -8.15 15.01 3.61
N PHE A 289 -7.67 15.97 2.85
CA PHE A 289 -8.38 17.24 2.68
C PHE A 289 -8.78 17.47 1.23
N LEU A 290 -10.08 17.53 0.95
CA LEU A 290 -10.49 17.75 -0.43
C LEU A 290 -11.37 18.96 -0.58
N PRO A 291 -11.32 19.63 -1.73
CA PRO A 291 -12.17 20.81 -1.92
C PRO A 291 -13.67 20.55 -1.71
N VAL A 292 -14.36 21.51 -1.13
CA VAL A 292 -15.77 21.35 -0.86
C VAL A 292 -16.63 22.31 -1.66
N ASP A 293 -15.97 23.06 -2.52
CA ASP A 293 -16.68 23.97 -3.38
C ASP A 293 -15.67 24.25 -4.47
N PHE A 294 -16.17 24.56 -5.66
CA PHE A 294 -15.29 24.85 -6.79
C PHE A 294 -15.86 25.88 -7.77
N LYS A 295 -14.94 26.60 -8.43
CA LYS A 295 -15.32 27.58 -9.43
C LYS A 295 -15.44 26.68 -10.65
N ILE A 296 -16.56 26.81 -11.37
CA ILE A 296 -16.86 26.01 -12.55
C ILE A 296 -17.12 26.93 -13.75
N ALA A 297 -16.74 26.48 -14.95
CA ALA A 297 -16.88 27.24 -16.22
C ALA A 297 -17.77 26.45 -17.16
N ASP A 298 -18.48 27.15 -18.05
CA ASP A 298 -19.33 26.45 -19.01
C ASP A 298 -18.54 26.07 -20.24
N ASN A 299 -17.23 26.18 -20.17
CA ASN A 299 -16.40 25.86 -21.31
C ASN A 299 -14.94 25.95 -20.89
N PHE A 300 -14.10 25.01 -21.29
CA PHE A 300 -12.70 25.04 -20.87
C PHE A 300 -11.89 26.13 -21.50
N ASP A 301 -11.89 27.31 -20.90
CA ASP A 301 -11.13 28.39 -21.48
C ASP A 301 -11.23 29.62 -20.57
N ASN A 302 -10.11 30.33 -20.41
CA ASN A 302 -10.00 31.52 -19.55
C ASN A 302 -11.07 32.47 -20.01
N ASN A 303 -11.74 33.17 -19.10
CA ASN A 303 -12.80 34.07 -19.56
C ASN A 303 -13.99 33.32 -20.26
N ALA A 304 -14.73 32.54 -19.47
CA ALA A 304 -15.90 31.78 -19.92
C ALA A 304 -16.83 31.98 -18.75
N ASN A 305 -18.13 31.98 -18.97
CA ASN A 305 -19.07 32.18 -17.88
C ASN A 305 -18.69 31.28 -16.74
N THR A 306 -18.61 31.85 -15.54
CA THR A 306 -18.23 31.03 -14.41
C THR A 306 -18.98 31.33 -13.16
N LYS A 307 -19.24 30.29 -12.38
CA LYS A 307 -19.93 30.45 -11.13
C LYS A 307 -19.31 29.53 -10.08
N PHE A 308 -19.81 29.59 -8.86
CA PHE A 308 -19.28 28.75 -7.79
C PHE A 308 -20.38 27.82 -7.26
N VAL A 309 -20.01 26.62 -6.86
CA VAL A 309 -21.00 25.72 -6.31
C VAL A 309 -20.33 24.89 -5.24
N THR A 310 -21.14 24.22 -4.43
CA THR A 310 -20.60 23.39 -3.37
C THR A 310 -20.59 21.96 -3.82
N ASP A 311 -19.83 21.13 -3.14
CA ASP A 311 -19.80 19.74 -3.51
C ASP A 311 -21.18 19.15 -3.40
N GLU A 312 -21.99 19.70 -2.49
CA GLU A 312 -23.36 19.22 -2.26
C GLU A 312 -24.26 19.65 -3.41
N GLU A 313 -24.18 20.91 -3.79
CA GLU A 313 -24.98 21.39 -4.89
C GLU A 313 -24.63 20.62 -6.14
N GLY A 314 -23.33 20.41 -6.36
CA GLY A 314 -22.88 19.67 -7.53
C GLY A 314 -22.79 20.53 -8.77
N ILE A 315 -22.00 20.12 -9.76
CA ILE A 315 -21.83 20.88 -10.99
C ILE A 315 -22.86 20.53 -12.08
N PRO A 316 -23.61 21.53 -12.57
CA PRO A 316 -24.60 21.20 -13.60
C PRO A 316 -23.99 20.53 -14.81
N ASP A 317 -24.86 20.05 -15.68
CA ASP A 317 -24.42 19.38 -16.88
C ASP A 317 -23.73 20.32 -17.79
N ASN A 318 -22.82 19.78 -18.59
CA ASN A 318 -22.10 20.61 -19.55
C ASN A 318 -21.42 21.77 -18.87
N TRP A 319 -20.90 21.52 -17.69
CA TRP A 319 -20.23 22.54 -16.90
C TRP A 319 -19.14 21.77 -16.25
N GLY A 321 -15.53 21.92 -13.51
CA GLY A 321 -14.86 22.66 -12.48
C GLY A 321 -13.44 22.87 -12.90
N LEU A 322 -12.87 24.03 -12.59
CA LEU A 322 -11.52 24.31 -12.97
C LEU A 322 -10.64 24.91 -11.87
N ASP A 323 -11.18 25.14 -10.66
CA ASP A 323 -10.36 25.67 -9.54
C ASP A 323 -11.13 25.52 -8.22
N ALA A 324 -10.42 25.62 -7.10
CA ALA A 324 -11.05 25.50 -5.78
C ALA A 324 -11.94 26.68 -5.48
N GLY A 325 -13.11 26.43 -4.89
CA GLY A 325 -13.96 27.56 -4.52
C GLY A 325 -13.33 28.29 -3.35
N PRO A 326 -13.84 29.49 -2.96
CA PRO A 326 -13.26 30.25 -1.84
C PRO A 326 -13.35 29.60 -0.46
N LYS A 327 -14.37 28.80 -0.23
CA LYS A 327 -14.54 28.15 1.06
C LYS A 327 -13.39 27.16 1.26
N SER A 328 -12.96 26.54 0.17
CA SER A 328 -11.87 25.59 0.25
C SER A 328 -10.56 26.32 0.26
N ILE A 329 -10.51 27.48 -0.36
CA ILE A 329 -9.28 28.20 -0.35
C ILE A 329 -9.08 28.87 0.99
N GLU A 330 -10.14 28.98 1.77
CA GLU A 330 -10.02 29.58 3.08
C GLU A 330 -9.65 28.42 4.00
N ASN A 331 -10.16 27.27 3.66
CA ASN A 331 -9.89 26.07 4.40
C ASN A 331 -8.44 25.66 4.31
N TYR A 332 -7.66 26.36 3.51
CA TYR A 332 -6.25 26.04 3.33
C TYR A 332 -5.40 26.55 4.47
N LYS A 333 -5.64 27.79 4.86
CA LYS A 333 -4.88 28.43 5.92
C LYS A 333 -4.59 27.50 7.06
N ASP A 334 -5.61 26.94 7.66
CA ASP A 334 -5.37 26.09 8.80
C ASP A 334 -4.48 24.93 8.53
N VAL A 335 -4.82 24.15 7.53
CA VAL A 335 -4.02 22.99 7.26
C VAL A 335 -2.55 23.28 7.03
N ILE A 336 -2.27 24.29 6.21
CA ILE A 336 -0.90 24.67 5.89
C ILE A 336 -0.11 25.40 6.97
N LEU A 337 -0.67 26.47 7.52
CA LEU A 337 -0.01 27.29 8.54
C LEU A 337 0.29 26.57 9.83
N THR A 338 -0.27 25.38 9.98
CA THR A 338 -0.11 24.59 11.18
C THR A 338 0.87 23.49 10.87
N SER A 339 1.38 23.42 9.67
CA SER A 339 2.29 22.33 9.42
C SER A 339 3.70 22.72 9.74
N LYS A 340 4.53 21.75 10.05
CA LYS A 340 5.91 22.07 10.33
C LYS A 340 6.80 21.83 9.14
N THR A 341 6.48 20.84 8.32
CA THR A 341 7.27 20.55 7.14
C THR A 341 6.25 20.35 6.00
N VAL A 342 6.59 20.78 4.78
CA VAL A 342 5.65 20.67 3.65
C VAL A 342 6.21 20.25 2.30
N ILE A 343 5.63 19.20 1.74
CA ILE A 343 6.05 18.73 0.43
C ILE A 343 4.92 18.99 -0.53
N TRP A 344 5.14 19.95 -1.40
CA TRP A 344 4.13 20.35 -2.36
C TRP A 344 4.49 19.93 -3.76
N ASN A 345 3.56 19.22 -4.36
CA ASN A 345 3.71 18.75 -5.71
C ASN A 345 2.36 18.68 -6.38
N GLY A 346 2.00 19.76 -7.07
CA GLY A 346 0.74 19.82 -7.77
C GLY A 346 -0.06 21.11 -7.57
N PRO A 347 -0.42 21.77 -8.67
CA PRO A 347 -1.19 23.00 -8.57
C PRO A 347 -2.59 22.56 -8.25
N GLN A 348 -3.29 23.45 -7.57
CA GLN A 348 -4.62 23.21 -7.14
C GLN A 348 -5.70 23.50 -8.15
N GLY A 349 -5.33 23.94 -9.35
CA GLY A 349 -6.31 24.24 -10.39
C GLY A 349 -5.60 24.54 -11.71
N VAL A 350 -6.33 24.97 -12.73
CA VAL A 350 -5.67 25.27 -14.03
C VAL A 350 -4.99 26.66 -13.91
N PHE A 351 -3.87 26.72 -13.17
CA PHE A 351 -3.15 27.99 -12.89
C PHE A 351 -2.68 28.77 -14.10
N GLU A 352 -2.39 28.00 -15.16
CA GLU A 352 -1.94 28.55 -16.44
C GLU A 352 -3.00 29.48 -17.03
N PRO A 354 -5.26 32.54 -15.78
CA PRO A 354 -5.49 33.51 -14.70
C PRO A 354 -6.72 33.32 -13.84
N ASN A 355 -7.87 33.33 -14.50
CA ASN A 355 -9.12 33.17 -13.79
C ASN A 355 -9.22 31.89 -12.94
N PHE A 356 -8.51 30.83 -13.31
CA PHE A 356 -8.53 29.59 -12.54
C PHE A 356 -7.18 29.31 -11.82
N ALA A 357 -6.51 30.38 -11.41
CA ALA A 357 -5.23 30.23 -10.72
C ALA A 357 -5.26 30.76 -9.28
N LYS A 358 -6.39 31.29 -8.86
CA LYS A 358 -6.48 31.83 -7.54
C LYS A 358 -6.18 30.77 -6.46
N GLY A 359 -6.79 29.60 -6.59
CA GLY A 359 -6.56 28.54 -5.66
C GLY A 359 -5.09 28.15 -5.63
N SER A 360 -4.42 28.11 -6.77
CA SER A 360 -3.01 27.73 -6.75
C SER A 360 -2.09 28.84 -6.31
N ILE A 361 -2.52 30.09 -6.48
CA ILE A 361 -1.72 31.23 -6.08
C ILE A 361 -1.76 31.46 -4.57
N GLU A 362 -2.95 31.21 -4.01
CA GLU A 362 -3.20 31.43 -2.58
C GLU A 362 -2.55 30.38 -1.72
N CYS A 363 -2.35 29.21 -2.33
CA CYS A 363 -1.69 28.11 -1.69
C CYS A 363 -0.21 28.53 -1.61
N LEU A 364 0.33 29.05 -2.71
CA LEU A 364 1.74 29.48 -2.74
C LEU A 364 2.06 30.47 -1.66
N ASN A 365 1.20 31.48 -1.54
CA ASN A 365 1.42 32.46 -0.50
C ASN A 365 1.42 31.77 0.84
N LEU A 366 0.40 30.95 1.10
CA LEU A 366 0.37 30.20 2.35
C LEU A 366 1.61 29.33 2.51
N VAL A 367 2.14 28.73 1.44
CA VAL A 367 3.36 27.92 1.56
C VAL A 367 4.53 28.83 1.91
N VAL A 368 4.64 29.95 1.20
CA VAL A 368 5.72 30.91 1.45
C VAL A 368 5.65 31.52 2.83
N GLU A 369 4.44 31.79 3.28
CA GLU A 369 4.24 32.37 4.57
C GLU A 369 4.57 31.39 5.68
N VAL A 370 4.21 30.12 5.54
CA VAL A 370 4.52 29.15 6.60
C VAL A 370 6.01 28.95 6.65
N THR A 371 6.69 29.27 5.55
CA THR A 371 8.12 29.08 5.53
C THR A 371 8.78 30.05 6.45
N LYS A 372 8.29 31.29 6.41
CA LYS A 372 8.86 32.32 7.23
C LYS A 372 8.48 32.01 8.66
N LYS A 373 7.33 31.40 8.88
CA LYS A 373 6.95 31.04 10.25
C LYS A 373 7.89 29.98 10.78
N GLY A 374 8.85 29.56 9.96
CA GLY A 374 9.81 28.59 10.39
C GLY A 374 9.70 27.18 9.83
N ALA A 375 8.69 26.89 9.03
CA ALA A 375 8.59 25.52 8.52
C ALA A 375 9.45 25.20 7.32
N ILE A 376 9.86 23.95 7.18
CA ILE A 376 10.65 23.59 6.04
C ILE A 376 9.73 23.20 4.88
N THR A 377 9.79 23.98 3.80
CA THR A 377 8.97 23.77 2.62
C THR A 377 9.78 23.34 1.39
N ILE A 378 9.34 22.23 0.78
CA ILE A 378 10.00 21.68 -0.38
C ILE A 378 9.01 21.57 -1.52
N VAL A 379 9.43 21.98 -2.72
CA VAL A 379 8.58 21.92 -3.91
C VAL A 379 9.33 21.05 -4.88
N GLY A 380 8.70 20.38 -5.80
CA GLY A 380 9.57 19.59 -6.65
C GLY A 380 8.89 19.32 -7.93
N GLY A 381 7.64 19.77 -7.95
CA GLY A 381 6.81 19.57 -9.10
C GLY A 381 7.38 19.97 -10.45
N GLY A 382 7.95 21.16 -10.54
CA GLY A 382 8.39 21.55 -11.86
C GLY A 382 7.18 22.30 -12.43
N ASP A 383 6.11 21.60 -12.74
CA ASP A 383 4.89 22.27 -13.24
C ASP A 383 4.47 23.16 -12.06
N THR A 384 4.80 22.70 -10.86
CA THR A 384 4.51 23.40 -9.62
C THR A 384 5.56 24.51 -9.51
N ALA A 385 6.80 24.16 -9.75
CA ALA A 385 7.89 25.13 -9.69
C ALA A 385 7.66 26.22 -10.70
N SER A 386 7.20 25.84 -11.88
CA SER A 386 7.00 26.84 -12.89
C SER A 386 6.12 27.95 -12.34
N LEU A 387 5.25 27.63 -11.38
CA LEU A 387 4.39 28.62 -10.77
C LEU A 387 5.20 29.49 -9.79
N VAL A 388 6.08 28.83 -9.04
CA VAL A 388 6.94 29.52 -8.09
C VAL A 388 7.85 30.44 -8.88
N GLU A 389 8.33 29.95 -10.02
CA GLU A 389 9.19 30.74 -10.89
C GLU A 389 8.45 31.96 -11.45
N GLN A 390 7.30 31.74 -12.08
CA GLN A 390 6.52 32.85 -12.62
C GLN A 390 6.22 33.90 -11.55
N GLN A 391 6.03 33.44 -10.34
CA GLN A 391 5.74 34.33 -9.26
C GLN A 391 7.01 34.93 -8.76
N ASN A 392 8.11 34.29 -9.09
CA ASN A 392 9.44 34.74 -8.67
C ASN A 392 9.54 34.66 -7.14
N LYS A 393 9.43 33.45 -6.59
CA LYS A 393 9.47 33.29 -5.15
C LYS A 393 10.36 32.13 -4.71
N LYS A 394 11.20 31.66 -5.61
CA LYS A 394 12.10 30.57 -5.31
C LYS A 394 12.76 30.76 -3.97
N ASN A 395 13.08 31.99 -3.63
CA ASN A 395 13.77 32.21 -2.38
C ASN A 395 12.89 32.18 -1.17
N GLU A 396 11.60 32.37 -1.38
CA GLU A 396 10.70 32.41 -0.25
C GLU A 396 10.39 31.03 0.24
N ILE A 397 10.90 30.04 -0.49
CA ILE A 397 10.68 28.63 -0.22
C ILE A 397 12.00 27.97 0.18
N SER A 398 11.96 27.12 1.20
CA SER A 398 13.13 26.43 1.68
C SER A 398 13.89 25.77 0.56
N HIS A 399 13.21 25.05 -0.30
CA HIS A 399 13.93 24.38 -1.36
C HIS A 399 13.01 23.99 -2.49
N VAL A 400 13.38 24.40 -3.70
CA VAL A 400 12.58 24.07 -4.85
C VAL A 400 13.43 23.12 -5.64
N SER A 401 13.18 21.82 -5.51
CA SER A 401 13.96 20.79 -6.19
C SER A 401 13.98 20.91 -7.69
N THR A 402 15.19 21.08 -8.20
CA THR A 402 15.43 21.22 -9.62
C THR A 402 15.52 19.84 -10.24
N GLY A 403 15.01 18.88 -9.45
CA GLY A 403 15.00 17.48 -9.84
C GLY A 403 13.86 17.06 -10.74
N GLY A 404 14.22 16.47 -11.87
CA GLY A 404 13.22 16.03 -12.81
C GLY A 404 12.42 14.86 -12.27
N GLY A 405 12.63 13.70 -12.89
CA GLY A 405 11.93 12.51 -12.47
C GLY A 405 12.49 12.12 -11.14
N ALA A 406 13.79 12.34 -10.95
CA ALA A 406 14.46 12.01 -9.70
C ALA A 406 13.62 12.36 -8.48
N SER A 407 13.25 13.62 -8.36
CA SER A 407 12.46 14.06 -7.22
C SER A 407 11.29 13.12 -7.06
N LEU A 408 10.51 12.93 -8.12
CA LEU A 408 9.37 12.02 -8.05
C LEU A 408 9.64 10.64 -7.44
N GLU A 409 10.49 9.83 -8.05
CA GLU A 409 10.83 8.50 -7.53
C GLU A 409 11.26 8.49 -6.07
N LEU A 410 11.97 9.53 -5.64
CA LEU A 410 12.34 9.57 -4.24
C LEU A 410 11.00 9.81 -3.48
N LEU A 411 10.07 10.61 -3.99
CA LEU A 411 8.81 10.75 -3.24
C LEU A 411 7.88 9.57 -3.52
N GLU A 412 8.32 8.66 -4.39
CA GLU A 412 7.55 7.49 -4.72
C GLU A 412 8.12 6.31 -3.95
N GLY A 413 9.25 6.52 -3.29
CA GLY A 413 9.86 5.46 -2.53
C GLY A 413 11.01 4.77 -3.20
N LYS A 414 11.28 5.08 -4.47
CA LYS A 414 12.35 4.46 -5.22
C LYS A 414 13.76 4.72 -4.73
N GLU A 415 14.72 3.98 -5.28
CA GLU A 415 16.10 4.05 -4.80
C GLU A 415 17.13 5.03 -5.31
N LEU A 416 17.11 5.46 -6.56
CA LEU A 416 18.11 6.43 -7.05
C LEU A 416 19.56 5.95 -7.04
N PRO A 417 19.94 5.22 -8.09
CA PRO A 417 21.28 4.69 -8.25
C PRO A 417 22.30 5.80 -8.05
N GLY A 418 22.10 6.89 -8.76
CA GLY A 418 23.00 8.01 -8.66
C GLY A 418 23.41 8.37 -7.24
N VAL A 419 22.50 8.22 -6.32
CA VAL A 419 22.85 8.54 -4.97
C VAL A 419 23.60 7.42 -4.30
N LEU A 420 23.09 6.18 -4.45
CA LEU A 420 23.73 5.02 -3.82
C LEU A 420 25.18 4.86 -4.18
N ALA A 421 25.57 5.38 -5.33
CA ALA A 421 26.94 5.26 -5.79
C ALA A 421 27.83 6.34 -5.22
N LEU A 422 27.41 6.95 -4.13
CA LEU A 422 28.19 8.02 -3.52
C LEU A 422 28.79 7.58 -2.19
N SER A 423 29.96 8.09 -1.85
CA SER A 423 30.60 7.73 -0.60
C SER A 423 29.89 8.36 0.60
N ASN A 424 30.42 8.14 1.81
CA ASN A 424 29.85 8.69 3.05
C ASN A 424 30.90 9.38 3.93
N HIS B 10 -7.66 -8.35 -9.71
CA HIS B 10 -7.54 -6.88 -10.00
C HIS B 10 -6.89 -6.66 -11.38
N LEU B 11 -6.08 -7.61 -11.82
CA LEU B 11 -5.39 -7.50 -13.11
C LEU B 11 -6.19 -8.26 -14.11
N GLY B 12 -5.97 -9.56 -14.16
CA GLY B 12 -6.70 -10.38 -15.09
C GLY B 12 -8.14 -10.56 -14.62
N ASN B 13 -9.05 -9.87 -15.31
CA ASN B 13 -10.49 -9.88 -15.02
C ASN B 13 -11.30 -8.83 -15.82
N LYS B 14 -10.57 -8.15 -16.71
CA LYS B 14 -11.13 -7.12 -17.54
C LYS B 14 -11.88 -7.75 -18.74
N LEU B 15 -12.83 -6.99 -19.29
CA LEU B 15 -13.63 -7.38 -20.44
C LEU B 15 -12.74 -7.84 -21.62
N SER B 16 -13.27 -8.54 -22.61
CA SER B 16 -12.43 -8.95 -23.71
C SER B 16 -13.19 -9.13 -24.99
N ILE B 17 -12.65 -8.57 -26.07
CA ILE B 17 -13.27 -8.63 -27.38
C ILE B 17 -14.03 -9.92 -27.62
N SER B 18 -13.51 -11.02 -27.13
CA SER B 18 -14.19 -12.29 -27.33
C SER B 18 -15.30 -12.38 -26.36
N ASP B 19 -16.05 -11.31 -26.21
CA ASP B 19 -17.15 -11.31 -25.27
C ASP B 19 -18.10 -10.18 -25.61
N LEU B 20 -17.63 -9.21 -26.38
CA LEU B 20 -18.53 -8.14 -26.73
C LEU B 20 -19.71 -8.77 -27.46
N LYS B 21 -20.83 -8.90 -26.77
CA LYS B 21 -22.00 -9.52 -27.40
C LYS B 21 -22.65 -8.56 -28.42
N ASP B 22 -22.38 -8.83 -29.69
CA ASP B 22 -22.91 -8.03 -30.79
C ASP B 22 -22.37 -6.61 -30.84
N ILE B 23 -21.40 -6.47 -31.73
CA ILE B 23 -20.77 -5.22 -32.00
C ILE B 23 -21.11 -4.95 -33.45
N LYS B 24 -22.15 -5.63 -33.92
CA LYS B 24 -22.62 -5.50 -35.29
C LYS B 24 -23.05 -4.08 -35.69
N ASN B 25 -22.56 -3.61 -36.85
CA ASN B 25 -22.91 -2.29 -37.37
C ASN B 25 -22.39 -1.13 -36.57
N LYS B 26 -21.42 -1.42 -35.73
CA LYS B 26 -20.85 -0.40 -34.88
C LYS B 26 -19.41 -0.04 -35.26
N LYS B 27 -19.05 1.23 -35.09
CA LYS B 27 -17.70 1.67 -35.39
C LYS B 27 -16.86 1.19 -34.20
N VAL B 28 -15.63 0.75 -34.44
CA VAL B 28 -14.82 0.26 -33.34
C VAL B 28 -13.47 0.96 -33.41
N LEU B 29 -12.95 1.43 -32.28
CA LEU B 29 -11.64 2.12 -32.28
C LEU B 29 -10.63 1.14 -31.62
N VAL B 30 -9.56 0.76 -32.33
CA VAL B 30 -8.62 -0.20 -31.72
C VAL B 30 -7.26 0.42 -31.58
N ARG B 31 -6.70 0.40 -30.38
CA ARG B 31 -5.36 0.98 -30.19
C ARG B 31 -4.42 -0.22 -30.29
N VAL B 32 -3.52 -0.14 -31.26
CA VAL B 32 -2.61 -1.24 -31.51
C VAL B 32 -1.16 -0.83 -31.40
N ASP B 33 -0.25 -1.81 -31.31
CA ASP B 33 1.17 -1.53 -31.27
C ASP B 33 1.84 -1.79 -32.62
N PHE B 34 2.19 -0.72 -33.32
CA PHE B 34 2.82 -0.77 -34.62
C PHE B 34 4.23 -0.19 -34.66
N ASN B 35 4.94 -0.21 -33.52
CA ASN B 35 6.30 0.33 -33.42
C ASN B 35 7.32 -0.63 -34.07
N VAL B 36 7.20 -0.76 -35.38
CA VAL B 36 8.04 -1.65 -36.15
C VAL B 36 9.28 -0.95 -36.65
N PRO B 37 10.31 -1.73 -37.04
CA PRO B 37 11.61 -1.27 -37.54
C PRO B 37 11.46 -0.91 -39.02
N ILE B 38 11.32 0.34 -39.38
CA ILE B 38 11.25 0.62 -40.79
C ILE B 38 12.66 1.01 -41.24
N GLU B 39 12.87 0.96 -42.56
CA GLU B 39 14.17 1.29 -43.18
C GLU B 39 13.99 1.59 -44.67
N ASN B 40 13.90 2.89 -44.94
CA ASN B 40 13.72 3.45 -46.27
C ASN B 40 12.32 3.11 -46.69
N GLY B 41 11.42 3.09 -45.71
CA GLY B 41 10.03 2.77 -45.98
C GLY B 41 9.83 1.28 -46.12
N ILE B 42 10.84 0.52 -45.75
CA ILE B 42 10.76 -0.91 -45.85
C ILE B 42 10.63 -1.53 -44.47
N ILE B 43 9.41 -1.86 -44.06
CA ILE B 43 9.14 -2.47 -42.75
C ILE B 43 10.01 -3.72 -42.48
N LYS B 44 11.17 -3.54 -41.85
CA LYS B 44 12.17 -4.60 -41.54
C LYS B 44 11.70 -5.86 -40.83
N ASP B 45 10.64 -5.74 -40.04
CA ASP B 45 10.11 -6.88 -39.30
C ASP B 45 8.63 -6.76 -38.99
N THR B 46 7.82 -7.32 -39.89
CA THR B 46 6.39 -7.28 -39.79
C THR B 46 5.82 -8.35 -38.85
N ASN B 47 6.24 -8.33 -37.60
CA ASN B 47 5.78 -9.32 -36.64
C ASN B 47 4.57 -8.79 -35.92
N ARG B 48 4.63 -7.52 -35.56
CA ARG B 48 3.49 -6.91 -34.94
C ARG B 48 2.70 -6.65 -36.20
N ILE B 49 1.51 -6.13 -36.04
CA ILE B 49 0.66 -5.84 -37.19
C ILE B 49 0.33 -7.16 -37.83
N THR B 50 0.64 -8.22 -37.12
CA THR B 50 0.36 -9.56 -37.58
C THR B 50 -0.39 -10.07 -36.38
N ALA B 51 0.15 -9.78 -35.22
CA ALA B 51 -0.51 -10.22 -34.01
C ALA B 51 -1.82 -9.47 -33.91
N THR B 52 -1.91 -8.45 -34.73
CA THR B 52 -3.05 -7.60 -34.74
C THR B 52 -4.24 -8.22 -35.54
N LEU B 53 -3.94 -9.04 -36.56
CA LEU B 53 -4.97 -9.65 -37.41
C LEU B 53 -6.09 -10.45 -36.72
N PRO B 54 -5.72 -11.32 -35.77
CA PRO B 54 -6.73 -12.12 -35.07
C PRO B 54 -7.87 -11.31 -34.45
N THR B 55 -7.55 -10.08 -34.02
CA THR B 55 -8.57 -9.25 -33.43
C THR B 55 -9.13 -8.28 -34.51
N ILE B 56 -8.31 -7.94 -35.50
CA ILE B 56 -8.81 -7.08 -36.56
C ILE B 56 -9.83 -7.91 -37.31
N ASN B 57 -9.58 -9.22 -37.33
CA ASN B 57 -10.44 -10.14 -38.03
C ASN B 57 -11.82 -10.37 -37.36
N HIS B 58 -11.79 -10.70 -36.08
CA HIS B 58 -13.01 -10.92 -35.33
C HIS B 58 -13.93 -9.72 -35.45
N LEU B 59 -13.37 -8.51 -35.42
CA LEU B 59 -14.25 -7.36 -35.58
C LEU B 59 -14.91 -7.53 -36.92
N LYS B 60 -14.11 -7.74 -37.95
CA LYS B 60 -14.62 -7.86 -39.31
C LYS B 60 -15.77 -8.77 -39.43
N LYS B 61 -15.52 -10.02 -39.11
CA LYS B 61 -16.54 -11.03 -39.26
C LYS B 61 -17.61 -10.96 -38.23
N GLU B 62 -17.74 -9.88 -37.48
CA GLU B 62 -18.80 -9.85 -36.49
C GLU B 62 -19.72 -8.67 -36.76
N GLY B 63 -19.45 -7.86 -37.76
CA GLY B 63 -20.31 -6.71 -37.99
C GLY B 63 -19.37 -5.55 -38.14
N ALA B 64 -19.43 -4.55 -37.27
CA ALA B 64 -18.47 -3.48 -37.37
C ALA B 64 -18.58 -2.62 -38.62
N SER B 65 -19.21 -1.46 -38.49
CA SER B 65 -19.37 -0.57 -39.60
C SER B 65 -17.97 -0.12 -40.01
N LYS B 66 -17.12 0.15 -39.04
CA LYS B 66 -15.78 0.58 -39.36
C LYS B 66 -14.73 0.11 -38.33
N ILE B 67 -13.49 -0.03 -38.78
CA ILE B 67 -12.43 -0.46 -37.87
C ILE B 67 -11.29 0.53 -37.95
N ILE B 68 -11.28 1.48 -37.03
CA ILE B 68 -10.26 2.51 -36.98
C ILE B 68 -9.15 2.05 -36.06
N LEU B 69 -7.95 2.22 -36.58
CA LEU B 69 -6.75 1.82 -35.88
C LEU B 69 -5.83 2.98 -35.50
N ILE B 70 -5.53 3.13 -34.21
CA ILE B 70 -4.62 4.19 -33.77
C ILE B 70 -3.37 3.61 -33.07
N SER B 71 -2.20 4.19 -33.35
CA SER B 71 -0.97 3.68 -32.74
C SER B 71 0.17 4.69 -32.87
N HIS B 72 1.37 4.33 -32.45
CA HIS B 72 2.48 5.24 -32.54
C HIS B 72 3.70 4.49 -33.03
N CYS B 73 4.62 5.21 -33.68
CA CYS B 73 5.84 4.62 -34.23
C CYS B 73 7.06 5.47 -33.80
N GLY B 74 7.98 4.88 -33.05
CA GLY B 74 9.14 5.65 -32.61
C GLY B 74 8.85 6.68 -31.53
N ARG B 75 9.54 7.82 -31.58
CA ARG B 75 9.34 8.89 -30.60
C ARG B 75 9.54 10.27 -31.24
N PRO B 76 8.59 10.71 -32.07
CA PRO B 76 8.68 12.00 -32.73
C PRO B 76 8.56 13.21 -31.81
N ASP B 77 8.27 12.94 -30.54
CA ASP B 77 8.13 13.99 -29.53
C ASP B 77 7.18 15.11 -29.86
N GLY B 78 5.99 14.77 -30.33
CA GLY B 78 5.02 15.79 -30.65
C GLY B 78 5.26 16.61 -31.90
N LEU B 79 6.09 16.11 -32.82
CA LEU B 79 6.36 16.82 -34.06
C LEU B 79 6.24 15.89 -35.27
N ARG B 80 5.68 16.39 -36.36
CA ARG B 80 5.58 15.58 -37.55
C ARG B 80 6.98 15.09 -37.87
N ASN B 81 7.18 13.82 -38.10
CA ASN B 81 8.54 13.44 -38.44
C ASN B 81 8.59 12.37 -39.51
N GLU B 82 8.87 12.77 -40.75
CA GLU B 82 8.86 11.84 -41.85
C GLU B 82 9.45 10.46 -41.56
N LYS B 83 10.34 10.39 -40.60
CA LYS B 83 10.97 9.14 -40.25
C LYS B 83 10.06 8.19 -39.48
N TYR B 84 8.98 8.70 -38.91
CA TYR B 84 8.12 7.85 -38.12
C TYR B 84 6.68 7.73 -38.56
N THR B 85 6.42 7.86 -39.86
CA THR B 85 5.07 7.78 -40.44
C THR B 85 4.50 6.41 -40.51
N LEU B 86 3.28 6.23 -40.04
CA LEU B 86 2.72 4.90 -40.15
C LEU B 86 2.20 4.59 -41.56
N LYS B 87 2.68 5.27 -42.58
CA LYS B 87 2.14 5.00 -43.90
C LYS B 87 2.50 3.61 -44.47
N PRO B 88 3.78 3.23 -44.39
CA PRO B 88 4.17 1.93 -44.91
C PRO B 88 3.55 0.79 -44.11
N VAL B 89 2.81 1.12 -43.07
CA VAL B 89 2.17 0.09 -42.30
C VAL B 89 0.82 -0.11 -42.93
N ALA B 90 0.31 0.95 -43.54
CA ALA B 90 -0.98 0.84 -44.18
C ALA B 90 -0.82 -0.06 -45.37
N GLU B 91 0.36 -0.06 -45.96
CA GLU B 91 0.59 -0.87 -47.13
C GLU B 91 0.70 -2.31 -46.79
N THR B 92 1.53 -2.61 -45.81
CA THR B 92 1.70 -3.97 -45.37
C THR B 92 0.35 -4.59 -45.07
N LEU B 93 -0.52 -3.81 -44.45
CA LEU B 93 -1.84 -4.28 -44.06
C LEU B 93 -2.75 -4.74 -45.20
N LYS B 94 -2.60 -4.15 -46.37
CA LYS B 94 -3.44 -4.51 -47.49
C LYS B 94 -3.18 -5.96 -47.96
N GLY B 95 -1.92 -6.36 -47.98
CA GLY B 95 -1.67 -7.70 -48.42
C GLY B 95 -2.01 -8.70 -47.36
N LEU B 96 -2.36 -8.20 -46.19
CA LEU B 96 -2.66 -9.03 -45.04
C LEU B 96 -4.13 -9.31 -44.88
N LEU B 97 -4.89 -8.35 -45.38
CA LEU B 97 -6.33 -8.37 -45.31
C LEU B 97 -6.88 -8.66 -46.71
N GLY B 98 -6.02 -8.43 -47.69
CA GLY B 98 -6.44 -8.63 -49.05
C GLY B 98 -7.55 -7.67 -49.37
N GLU B 99 -7.41 -6.43 -48.91
CA GLU B 99 -8.37 -5.39 -49.20
C GLU B 99 -7.70 -4.05 -49.03
N GLU B 100 -8.41 -2.99 -49.36
CA GLU B 100 -7.85 -1.65 -49.22
C GLU B 100 -7.84 -1.18 -47.75
N VAL B 101 -6.88 -0.30 -47.44
CA VAL B 101 -6.77 0.27 -46.10
C VAL B 101 -6.59 1.77 -46.33
N LEU B 102 -7.43 2.55 -45.65
CA LEU B 102 -7.47 4.02 -45.76
C LEU B 102 -6.47 4.71 -44.86
N PHE B 103 -5.49 5.44 -45.39
CA PHE B 103 -4.57 6.09 -44.43
C PHE B 103 -4.77 7.59 -44.31
N LEU B 104 -5.18 8.06 -43.13
CA LEU B 104 -5.40 9.49 -42.93
C LEU B 104 -4.19 10.18 -42.28
N ASN B 105 -3.84 11.34 -42.80
CA ASN B 105 -2.72 12.09 -42.25
C ASN B 105 -3.03 12.80 -40.96
N ASP B 106 -4.05 12.34 -40.23
CA ASP B 106 -4.38 12.97 -38.97
C ASP B 106 -5.02 12.01 -37.97
N CYS B 107 -4.71 12.20 -36.69
CA CYS B 107 -5.24 11.36 -35.64
C CYS B 107 -6.68 11.78 -35.37
N VAL B 108 -6.88 13.04 -35.05
CA VAL B 108 -8.23 13.49 -34.79
C VAL B 108 -8.54 14.54 -35.78
N GLY B 109 -9.71 15.13 -35.62
CA GLY B 109 -10.09 16.18 -36.53
C GLY B 109 -11.55 16.04 -36.87
N LYS B 110 -12.08 17.02 -37.60
CA LYS B 110 -13.49 17.01 -38.00
C LYS B 110 -13.51 16.35 -39.36
N GLU B 111 -12.41 16.48 -40.10
CA GLU B 111 -12.33 15.88 -41.42
C GLU B 111 -12.01 14.40 -41.34
N VAL B 112 -11.27 13.98 -40.32
CA VAL B 112 -10.97 12.57 -40.21
C VAL B 112 -12.24 11.83 -39.85
N GLU B 113 -13.03 12.39 -38.94
CA GLU B 113 -14.26 11.69 -38.56
C GLU B 113 -15.20 11.79 -39.73
N ASP B 114 -14.82 12.56 -40.73
CA ASP B 114 -15.68 12.69 -41.88
C ASP B 114 -15.25 11.73 -42.96
N LYS B 115 -13.99 11.39 -43.00
CA LYS B 115 -13.56 10.45 -44.01
C LYS B 115 -13.79 9.04 -43.55
N ILE B 116 -13.66 8.76 -42.26
CA ILE B 116 -13.89 7.40 -41.81
C ILE B 116 -15.37 7.21 -42.02
N ASN B 117 -16.16 8.12 -41.46
CA ASN B 117 -17.59 8.05 -41.63
C ASN B 117 -17.80 8.21 -43.10
N ALA B 118 -18.67 7.40 -43.69
CA ALA B 118 -18.85 7.52 -45.12
C ALA B 118 -17.51 7.15 -45.79
N ALA B 119 -17.13 5.88 -45.61
CA ALA B 119 -15.92 5.28 -46.16
C ALA B 119 -16.42 3.88 -46.37
N LYS B 120 -15.73 3.09 -47.17
CA LYS B 120 -16.17 1.73 -47.44
C LYS B 120 -16.74 1.03 -46.23
N GLU B 121 -17.98 0.60 -46.34
CA GLU B 121 -18.62 -0.08 -45.24
C GLU B 121 -17.91 -1.35 -44.82
N ASN B 122 -17.65 -1.43 -43.53
CA ASN B 122 -16.97 -2.56 -42.93
C ASN B 122 -15.56 -2.63 -43.51
N SER B 123 -14.73 -1.63 -43.25
CA SER B 123 -13.36 -1.62 -43.78
C SER B 123 -12.39 -1.13 -42.72
N VAL B 124 -11.11 -1.04 -43.05
CA VAL B 124 -10.18 -0.55 -42.02
C VAL B 124 -9.44 0.75 -42.32
N ILE B 125 -9.37 1.61 -41.31
CA ILE B 125 -8.70 2.89 -41.47
C ILE B 125 -7.54 3.01 -40.48
N LEU B 126 -6.36 3.45 -40.93
CA LEU B 126 -5.24 3.58 -40.02
C LEU B 126 -4.94 5.09 -39.91
N LEU B 127 -4.93 5.63 -38.69
CA LEU B 127 -4.64 7.05 -38.54
C LEU B 127 -3.16 7.29 -38.22
N GLU B 128 -2.59 8.31 -38.83
CA GLU B 128 -1.17 8.63 -38.64
C GLU B 128 -0.69 8.65 -37.20
N ASN B 129 0.60 8.41 -37.02
CA ASN B 129 1.27 8.37 -35.72
C ASN B 129 0.62 9.29 -34.68
N LEU B 130 0.14 8.72 -33.57
CA LEU B 130 -0.50 9.49 -32.49
C LEU B 130 0.45 10.52 -31.86
N ARG B 131 1.72 10.15 -31.70
CA ARG B 131 2.74 10.99 -31.08
C ARG B 131 3.24 12.07 -32.00
N PHE B 132 2.44 12.41 -32.99
CA PHE B 132 2.82 13.50 -33.86
C PHE B 132 2.15 14.70 -33.18
N HIS B 133 1.18 14.42 -32.30
CA HIS B 133 0.47 15.44 -31.52
C HIS B 133 1.10 15.37 -30.17
N ILE B 134 1.34 16.53 -29.58
CA ILE B 134 1.94 16.58 -28.27
C ILE B 134 0.96 16.04 -27.19
N GLU B 135 -0.32 16.35 -27.31
CA GLU B 135 -1.28 15.86 -26.31
C GLU B 135 -1.35 14.33 -26.23
N GLU B 136 -0.56 13.61 -27.01
CA GLU B 136 -0.64 12.15 -26.90
C GLU B 136 0.11 11.86 -25.65
N GLU B 137 1.41 12.04 -25.74
CA GLU B 137 2.28 11.81 -24.62
C GLU B 137 2.02 12.82 -23.50
N GLY B 138 1.79 14.09 -23.83
CA GLY B 138 1.56 15.10 -22.82
C GLY B 138 2.61 16.20 -22.90
N LYS B 139 3.74 15.90 -23.54
CA LYS B 139 4.79 16.87 -23.65
C LYS B 139 5.65 16.52 -24.87
N GLY B 140 6.61 17.37 -25.24
CA GLY B 140 7.42 17.06 -26.39
C GLY B 140 8.65 17.91 -26.39
N VAL B 141 9.08 18.37 -27.56
CA VAL B 141 10.23 19.27 -27.69
C VAL B 141 10.00 20.08 -28.95
N ASP B 142 10.34 21.37 -28.93
CA ASP B 142 10.18 22.22 -30.09
C ASP B 142 11.25 21.90 -31.16
N ALA B 143 11.24 22.65 -32.25
CA ALA B 143 12.19 22.41 -33.32
C ALA B 143 13.62 22.65 -32.89
N ASN B 144 13.82 23.36 -31.78
CA ASN B 144 15.18 23.64 -31.30
C ASN B 144 15.67 22.54 -30.38
N GLY B 145 14.75 21.72 -29.92
CA GLY B 145 15.17 20.61 -29.09
C GLY B 145 14.98 20.91 -27.65
N ASN B 146 14.09 21.86 -27.37
CA ASN B 146 13.86 22.20 -25.99
C ASN B 146 12.54 21.73 -25.51
N LYS B 147 12.55 21.01 -24.40
CA LYS B 147 11.33 20.49 -23.80
C LYS B 147 10.13 21.44 -23.89
N VAL B 148 8.93 20.87 -24.03
CA VAL B 148 7.70 21.61 -24.19
C VAL B 148 6.53 20.89 -23.49
N LYS B 149 5.54 21.62 -23.00
CA LYS B 149 4.43 21.01 -22.32
C LYS B 149 3.12 21.31 -23.02
N ALA B 150 2.21 20.35 -23.05
CA ALA B 150 0.95 20.58 -23.73
C ALA B 150 -0.02 21.20 -22.78
N ASN B 151 -0.90 22.06 -23.33
CA ASN B 151 -1.91 22.74 -22.54
C ASN B 151 -2.99 21.80 -22.14
N LYS B 152 -3.39 21.86 -20.89
CA LYS B 152 -4.39 20.91 -20.44
C LYS B 152 -5.65 20.87 -21.31
N GLU B 153 -6.04 22.01 -21.89
CA GLU B 153 -7.26 22.04 -22.72
C GLU B 153 -7.08 21.26 -24.02
N ASP B 154 -5.87 21.38 -24.54
CA ASP B 154 -5.46 20.74 -25.76
C ASP B 154 -5.49 19.24 -25.59
N VAL B 155 -5.22 18.78 -24.39
CA VAL B 155 -5.27 17.36 -24.21
C VAL B 155 -6.71 16.93 -24.09
N GLU B 156 -7.44 17.57 -23.21
CA GLU B 156 -8.85 17.27 -23.01
C GLU B 156 -9.53 17.27 -24.37
N LYS B 157 -9.20 18.23 -25.22
CA LYS B 157 -9.77 18.30 -26.57
C LYS B 157 -9.44 17.00 -27.31
N PHE B 158 -8.14 16.72 -27.42
CA PHE B 158 -7.60 15.52 -28.08
C PHE B 158 -8.25 14.26 -27.56
N GLN B 159 -8.38 14.14 -26.26
CA GLN B 159 -8.97 12.94 -25.72
C GLN B 159 -10.42 12.87 -26.06
N ASN B 160 -11.09 14.01 -25.96
CA ASN B 160 -12.50 14.05 -26.28
C ASN B 160 -12.72 13.63 -27.71
N ASP B 161 -11.79 14.04 -28.58
CA ASP B 161 -11.86 13.71 -30.00
C ASP B 161 -11.72 12.22 -30.18
N LEU B 162 -10.59 11.67 -29.81
CA LEU B 162 -10.47 10.24 -29.94
C LEU B 162 -11.78 9.57 -29.53
N THR B 163 -12.35 10.01 -28.41
CA THR B 163 -13.58 9.39 -27.93
C THR B 163 -14.78 9.46 -28.85
N LYS B 164 -14.75 10.41 -29.78
CA LYS B 164 -15.89 10.53 -30.63
C LYS B 164 -15.71 9.85 -32.00
N LEU B 165 -14.59 9.18 -32.21
CA LEU B 165 -14.38 8.53 -33.48
C LEU B 165 -15.14 7.21 -33.61
N ALA B 166 -15.59 6.63 -32.52
CA ALA B 166 -16.22 5.33 -32.64
C ALA B 166 -17.14 5.01 -31.49
N ASP B 167 -17.74 3.83 -31.55
CA ASP B 167 -18.70 3.38 -30.56
C ASP B 167 -18.21 2.47 -29.49
N VAL B 168 -17.18 1.71 -29.78
CA VAL B 168 -16.70 0.80 -28.79
C VAL B 168 -15.22 1.02 -28.86
N PHE B 169 -14.50 0.61 -27.82
CA PHE B 169 -13.03 0.76 -27.75
C PHE B 169 -12.32 -0.56 -27.42
N ILE B 170 -11.35 -0.92 -28.26
CA ILE B 170 -10.58 -2.14 -28.01
C ILE B 170 -9.11 -1.72 -27.91
N ASN B 171 -8.42 -2.17 -26.86
CA ASN B 171 -7.00 -1.85 -26.65
C ASN B 171 -6.18 -3.16 -26.76
N ASP B 172 -5.33 -3.24 -27.78
CA ASP B 172 -4.49 -4.41 -27.97
C ASP B 172 -3.05 -3.87 -27.93
N ALA B 173 -2.78 -2.99 -26.95
CA ALA B 173 -1.45 -2.38 -26.81
C ALA B 173 -0.94 -2.46 -25.39
N PHE B 174 -0.80 -3.67 -24.91
CA PHE B 174 -0.35 -3.86 -23.55
C PHE B 174 1.00 -3.26 -23.32
N GLY B 175 1.75 -3.04 -24.37
CA GLY B 175 3.07 -2.48 -24.21
C GLY B 175 3.18 -1.06 -23.70
N THR B 176 2.11 -0.28 -23.84
CA THR B 176 2.05 1.10 -23.41
C THR B 176 1.03 1.25 -22.26
N ALA B 177 0.43 0.13 -21.86
CA ALA B 177 -0.56 0.12 -20.79
C ALA B 177 0.02 0.69 -19.48
N HIS B 178 1.34 0.75 -19.39
CA HIS B 178 1.90 1.34 -18.20
C HIS B 178 2.04 2.85 -18.34
N ARG B 179 1.92 3.42 -19.53
CA ARG B 179 2.01 4.89 -19.68
C ARG B 179 0.60 5.45 -19.66
N ALA B 180 0.37 6.53 -18.91
CA ALA B 180 -0.96 7.09 -18.86
C ALA B 180 -1.13 8.11 -19.92
N HIS B 181 -0.98 7.72 -21.18
CA HIS B 181 -1.14 8.68 -22.26
C HIS B 181 -2.57 8.89 -22.68
N SER B 182 -2.76 9.66 -23.73
CA SER B 182 -4.09 9.99 -24.15
C SER B 182 -4.85 8.82 -24.70
N SER B 183 -4.17 7.98 -25.48
CA SER B 183 -4.78 6.82 -26.08
C SER B 183 -4.93 5.68 -25.08
N VAL B 185 -5.94 6.26 -21.64
CA VAL B 185 -6.97 6.55 -20.67
C VAL B 185 -7.88 7.66 -21.16
N GLY B 186 -7.81 8.02 -22.44
CA GLY B 186 -8.64 9.12 -22.91
C GLY B 186 -9.94 8.73 -23.56
N VAL B 187 -9.94 7.58 -24.21
CA VAL B 187 -11.12 7.08 -24.88
C VAL B 187 -12.08 6.68 -23.82
N LYS B 188 -13.12 7.46 -23.70
CA LYS B 188 -14.07 7.19 -22.68
C LYS B 188 -15.39 6.76 -23.23
N LEU B 189 -15.49 5.51 -23.64
CA LEU B 189 -16.74 4.95 -24.16
C LEU B 189 -17.35 3.97 -23.12
N ASN B 190 -18.56 3.47 -23.33
CA ASN B 190 -19.07 2.58 -22.31
C ASN B 190 -18.48 1.20 -22.39
N VAL B 191 -17.90 0.85 -23.52
CA VAL B 191 -17.31 -0.46 -23.69
C VAL B 191 -15.86 -0.34 -24.12
N LYS B 192 -14.97 -0.91 -23.32
CA LYS B 192 -13.55 -0.84 -23.58
C LYS B 192 -12.99 -2.14 -23.20
N ALA B 193 -12.98 -3.06 -24.15
CA ALA B 193 -12.49 -4.40 -23.88
C ALA B 193 -11.08 -4.59 -24.34
N SER B 194 -10.49 -5.65 -23.84
CA SER B 194 -9.13 -5.94 -24.21
C SER B 194 -9.12 -6.62 -25.58
N GLY B 195 -8.10 -6.30 -26.38
CA GLY B 195 -7.93 -6.90 -27.71
C GLY B 195 -7.38 -8.31 -27.50
N PHE B 196 -7.29 -9.16 -28.53
CA PHE B 196 -6.78 -10.53 -28.26
C PHE B 196 -5.39 -10.59 -27.62
N LEU B 197 -4.44 -9.82 -28.13
CA LEU B 197 -3.07 -9.76 -27.60
C LEU B 197 -3.12 -9.40 -26.11
N LYS B 199 -5.59 -9.58 -24.05
CA LYS B 199 -6.30 -10.63 -23.36
C LYS B 199 -5.34 -11.65 -22.82
N LYS B 200 -4.44 -12.07 -23.70
CA LYS B 200 -3.47 -13.09 -23.39
C LYS B 200 -2.39 -12.59 -22.45
N GLU B 201 -1.91 -11.37 -22.62
CA GLU B 201 -0.90 -10.86 -21.70
C GLU B 201 -1.48 -10.84 -20.32
N LEU B 202 -2.67 -10.25 -20.18
CA LEU B 202 -3.29 -10.16 -18.88
C LEU B 202 -3.55 -11.53 -18.32
N GLU B 203 -4.18 -12.36 -19.11
CA GLU B 203 -4.47 -13.70 -18.64
C GLU B 203 -3.27 -14.51 -18.06
N TYR B 204 -2.11 -14.42 -18.68
CA TYR B 204 -0.92 -15.14 -18.20
C TYR B 204 -0.21 -14.48 -17.04
N PHE B 205 -0.25 -13.16 -16.95
CA PHE B 205 0.44 -12.50 -15.85
C PHE B 205 -0.44 -12.69 -14.68
N SER B 206 -1.74 -12.66 -14.93
CA SER B 206 -2.71 -12.87 -13.90
C SER B 206 -2.50 -14.26 -13.29
N LYS B 207 -2.26 -15.26 -14.12
CA LYS B 207 -2.07 -16.60 -13.58
C LYS B 207 -0.84 -16.64 -12.71
N ALA B 208 0.27 -16.16 -13.24
CA ALA B 208 1.50 -16.23 -12.50
C ALA B 208 1.65 -15.26 -11.38
N LEU B 209 0.78 -14.26 -11.29
CA LEU B 209 0.92 -13.27 -10.26
C LEU B 209 -0.23 -13.25 -9.28
N GLU B 210 -1.45 -13.43 -9.80
CA GLU B 210 -2.65 -13.42 -9.00
C GLU B 210 -2.66 -14.67 -8.12
N ASN B 211 -3.08 -15.79 -8.68
CA ASN B 211 -3.09 -17.00 -7.90
C ASN B 211 -2.23 -18.08 -8.51
N PRO B 212 -0.92 -18.04 -8.28
CA PRO B 212 -0.03 -19.04 -8.86
C PRO B 212 -0.39 -20.45 -8.53
N GLN B 213 0.51 -21.33 -8.87
CA GLN B 213 0.38 -22.72 -8.55
C GLN B 213 1.79 -23.09 -8.15
N ARG B 214 2.09 -22.84 -6.87
CA ARG B 214 3.42 -23.12 -6.31
C ARG B 214 3.93 -24.54 -6.55
N PRO B 215 5.26 -24.70 -6.62
CA PRO B 215 6.22 -23.59 -6.48
C PRO B 215 6.21 -22.57 -7.64
N LEU B 216 6.35 -21.29 -7.27
CA LEU B 216 6.40 -20.21 -8.21
C LEU B 216 7.82 -19.68 -8.12
N LEU B 217 8.56 -19.84 -9.20
CA LEU B 217 9.96 -19.45 -9.26
C LEU B 217 10.21 -18.35 -10.30
N ALA B 218 11.07 -17.38 -9.95
CA ALA B 218 11.44 -16.32 -10.85
C ALA B 218 12.94 -16.44 -11.08
N ILE B 219 13.36 -16.30 -12.34
CA ILE B 219 14.77 -16.36 -12.72
C ILE B 219 15.23 -14.93 -13.01
N LEU B 220 16.21 -14.38 -12.30
CA LEU B 220 16.62 -13.03 -12.60
C LEU B 220 18.03 -12.98 -13.09
N GLY B 221 18.35 -11.98 -13.88
CA GLY B 221 19.69 -11.84 -14.42
C GLY B 221 19.97 -10.49 -15.08
N GLY B 222 21.21 -10.29 -15.53
CA GLY B 222 21.59 -9.04 -16.16
C GLY B 222 22.70 -8.37 -15.34
N ALA B 223 23.48 -7.54 -16.02
CA ALA B 223 24.60 -6.86 -15.41
C ALA B 223 24.32 -5.99 -14.19
N LYS B 224 23.31 -5.13 -14.25
CA LYS B 224 23.06 -4.26 -13.12
C LYS B 224 22.17 -4.82 -12.06
N VAL B 225 22.45 -4.50 -10.83
CA VAL B 225 21.60 -4.96 -9.78
C VAL B 225 20.89 -3.73 -9.25
N SER B 226 21.54 -2.58 -9.45
CA SER B 226 21.05 -1.26 -9.00
C SER B 226 19.80 -0.72 -9.68
N ASP B 227 19.40 -1.37 -10.76
CA ASP B 227 18.23 -0.92 -11.45
C ASP B 227 17.20 -2.04 -11.49
N LYS B 228 17.31 -2.97 -10.54
CA LYS B 228 16.32 -4.03 -10.52
C LYS B 228 15.87 -4.11 -9.09
N ILE B 229 16.23 -3.11 -8.33
CA ILE B 229 15.91 -3.12 -6.94
C ILE B 229 14.44 -3.36 -6.66
N GLN B 230 13.59 -2.53 -7.21
CA GLN B 230 12.16 -2.67 -6.96
C GLN B 230 11.63 -3.96 -7.56
N LEU B 231 12.17 -4.37 -8.71
CA LEU B 231 11.71 -5.60 -9.31
C LEU B 231 11.90 -6.75 -8.32
N ILE B 232 13.13 -6.97 -7.88
CA ILE B 232 13.49 -8.04 -6.93
C ILE B 232 12.65 -7.99 -5.65
N LYS B 233 12.47 -6.81 -5.08
CA LYS B 233 11.71 -6.66 -3.86
C LYS B 233 10.28 -7.14 -4.02
N ASN B 234 9.62 -6.71 -5.10
CA ASN B 234 8.24 -7.11 -5.30
C ASN B 234 8.08 -8.63 -5.42
N LEU B 235 8.77 -9.20 -6.41
CA LEU B 235 8.71 -10.63 -6.64
C LEU B 235 9.06 -11.42 -5.37
N LEU B 236 9.85 -10.86 -4.46
CA LEU B 236 10.15 -11.59 -3.24
C LEU B 236 8.90 -11.79 -2.41
N ASP B 237 7.77 -11.30 -2.90
CA ASP B 237 6.56 -11.50 -2.15
C ASP B 237 5.84 -12.71 -2.67
N LYS B 238 5.67 -12.79 -3.97
CA LYS B 238 4.93 -13.90 -4.50
C LYS B 238 5.75 -15.12 -4.88
N VAL B 239 7.04 -14.92 -5.06
CA VAL B 239 7.90 -16.00 -5.47
C VAL B 239 8.29 -16.97 -4.37
N ASP B 240 8.45 -18.23 -4.74
CA ASP B 240 8.86 -19.27 -3.81
C ASP B 240 10.36 -19.50 -3.87
N ARG B 241 10.95 -19.47 -5.05
CA ARG B 241 12.38 -19.68 -5.18
C ARG B 241 12.84 -18.64 -6.20
N ILE B 243 16.33 -17.17 -8.70
CA ILE B 243 17.65 -17.49 -9.24
C ILE B 243 18.18 -16.16 -9.80
N ILE B 244 19.27 -15.71 -9.20
CA ILE B 244 19.90 -14.48 -9.61
C ILE B 244 21.15 -14.93 -10.31
N GLY B 245 21.46 -14.35 -11.47
CA GLY B 245 22.66 -14.73 -12.18
C GLY B 245 23.15 -13.67 -13.13
N GLY B 246 24.33 -13.89 -13.71
CA GLY B 246 24.87 -12.95 -14.67
C GLY B 246 25.31 -11.56 -14.31
N GLY B 247 26.51 -11.41 -13.79
CA GLY B 247 27.04 -10.08 -13.50
C GLY B 247 26.51 -9.55 -12.21
N ALA B 249 25.29 -11.26 -10.28
CA ALA B 249 25.56 -12.30 -9.28
C ALA B 249 26.83 -12.06 -8.52
N TYR B 250 27.86 -11.61 -9.24
CA TYR B 250 29.15 -11.35 -8.66
C TYR B 250 29.01 -10.29 -7.59
N THR B 251 28.27 -9.22 -7.88
CA THR B 251 28.05 -8.16 -6.90
C THR B 251 27.45 -8.76 -5.61
N PHE B 252 26.67 -9.82 -5.74
CA PHE B 252 26.10 -10.48 -4.58
C PHE B 252 27.15 -11.32 -3.84
N LYS B 253 28.06 -11.93 -4.59
CA LYS B 253 29.06 -12.78 -3.96
C LYS B 253 30.06 -11.93 -3.24
N LYS B 254 30.65 -10.97 -3.96
CA LYS B 254 31.64 -10.04 -3.41
C LYS B 254 31.17 -9.41 -2.11
N VAL B 255 29.87 -9.30 -1.92
CA VAL B 255 29.29 -8.68 -0.73
C VAL B 255 28.75 -9.74 0.22
N LEU B 256 28.27 -10.85 -0.31
CA LEU B 256 27.76 -11.85 0.59
C LEU B 256 28.82 -12.79 1.10
N ASN B 257 29.75 -13.20 0.25
CA ASN B 257 30.83 -14.13 0.65
C ASN B 257 32.21 -13.51 0.52
N ASN B 258 32.25 -12.25 0.14
CA ASN B 258 33.51 -11.58 -0.01
C ASN B 258 34.31 -12.21 -1.14
N LYS B 260 36.32 -13.41 -4.28
CA LYS B 260 37.24 -12.58 -5.04
C LYS B 260 36.75 -12.54 -6.47
N ILE B 261 36.35 -11.34 -6.88
CA ILE B 261 35.79 -11.07 -8.19
C ILE B 261 36.71 -10.72 -9.37
N GLY B 262 37.95 -10.30 -9.10
CA GLY B 262 38.85 -9.94 -10.17
C GLY B 262 38.41 -8.66 -10.86
N THR B 263 38.31 -8.66 -12.17
CA THR B 263 37.85 -7.44 -12.86
C THR B 263 36.39 -7.52 -13.32
N SER B 264 35.64 -8.46 -12.75
CA SER B 264 34.23 -8.66 -13.11
C SER B 264 33.41 -7.42 -12.77
N LEU B 265 32.36 -7.16 -13.53
CA LEU B 265 31.61 -5.96 -13.23
C LEU B 265 30.99 -6.03 -11.84
N PHE B 266 31.36 -5.01 -11.04
CA PHE B 266 30.85 -4.81 -9.69
C PHE B 266 29.97 -3.55 -9.60
N ASP B 267 28.70 -3.71 -9.20
CA ASP B 267 27.74 -2.60 -9.06
C ASP B 267 27.85 -1.96 -7.67
N GLU B 268 28.69 -0.95 -7.49
CA GLU B 268 28.84 -0.30 -6.18
C GLU B 268 27.52 0.24 -5.67
N ALA B 269 26.71 0.73 -6.58
CA ALA B 269 25.42 1.25 -6.21
C ALA B 269 24.49 0.17 -5.66
N GLY B 270 24.52 -1.02 -6.22
CA GLY B 270 23.65 -2.09 -5.77
C GLY B 270 24.19 -2.84 -4.59
N SER B 271 25.50 -3.01 -4.56
CA SER B 271 26.12 -3.72 -3.46
C SER B 271 25.51 -3.19 -2.17
N LYS B 272 25.13 -1.92 -2.20
CA LYS B 272 24.55 -1.26 -1.05
C LYS B 272 23.29 -1.92 -0.57
N ILE B 273 22.43 -2.38 -1.46
CA ILE B 273 21.22 -3.03 -0.99
C ILE B 273 21.12 -4.55 -1.11
N VAL B 274 22.22 -5.24 -1.44
CA VAL B 274 22.13 -6.70 -1.55
C VAL B 274 21.77 -7.34 -0.23
N GLY B 275 22.17 -6.73 0.87
CA GLY B 275 21.79 -7.34 2.14
C GLY B 275 20.33 -7.03 2.43
N GLU B 276 19.89 -5.85 2.03
CA GLU B 276 18.51 -5.45 2.25
C GLU B 276 17.71 -6.56 1.60
N ILE B 277 18.11 -6.91 0.38
CA ILE B 277 17.47 -7.94 -0.43
C ILE B 277 17.50 -9.31 0.19
N GLU B 279 17.80 -9.99 3.16
CA GLU B 279 17.08 -9.99 4.41
C GLU B 279 15.61 -10.30 4.16
N LYS B 280 14.99 -9.58 3.23
CA LYS B 280 13.59 -9.79 2.88
C LYS B 280 13.46 -11.20 2.35
N ALA B 281 14.51 -11.70 1.75
CA ALA B 281 14.48 -13.06 1.22
C ALA B 281 14.23 -14.01 2.36
N LYS B 282 15.20 -14.10 3.25
CA LYS B 282 15.08 -14.99 4.39
C LYS B 282 13.74 -14.68 5.03
N ALA B 283 13.49 -13.40 5.19
CA ALA B 283 12.28 -12.97 5.82
C ALA B 283 11.04 -13.63 5.22
N LYS B 284 10.78 -13.35 3.94
CA LYS B 284 9.60 -13.88 3.27
C LYS B 284 9.72 -15.35 2.87
N ASN B 285 10.81 -15.96 3.34
CA ASN B 285 11.07 -17.35 3.06
C ASN B 285 11.12 -17.66 1.56
N VAL B 286 12.25 -17.39 0.92
CA VAL B 286 12.39 -17.64 -0.51
C VAL B 286 13.80 -18.11 -0.76
N GLN B 287 13.97 -19.29 -1.34
CA GLN B 287 15.31 -19.83 -1.61
C GLN B 287 16.00 -18.95 -2.62
N ILE B 288 17.30 -18.78 -2.50
CA ILE B 288 17.97 -17.90 -3.43
C ILE B 288 18.76 -18.48 -4.61
N PHE B 289 19.63 -19.43 -4.41
CA PHE B 289 20.37 -19.95 -5.58
C PHE B 289 21.22 -18.94 -6.40
N LEU B 290 22.44 -18.73 -5.97
CA LEU B 290 23.37 -17.89 -6.70
C LEU B 290 24.40 -18.82 -7.32
N PRO B 291 25.04 -18.39 -8.42
CA PRO B 291 26.04 -19.25 -9.05
C PRO B 291 27.14 -19.76 -8.09
N VAL B 292 27.59 -20.99 -8.26
CA VAL B 292 28.57 -21.58 -7.36
C VAL B 292 29.93 -21.74 -8.03
N ASP B 293 29.98 -21.54 -9.34
CA ASP B 293 31.23 -21.62 -10.13
C ASP B 293 31.07 -20.73 -11.37
N PHE B 294 32.14 -20.37 -12.06
CA PHE B 294 31.95 -19.47 -13.18
C PHE B 294 33.00 -19.67 -14.20
N LYS B 295 32.63 -19.45 -15.46
CA LYS B 295 33.57 -19.52 -16.57
C LYS B 295 34.13 -18.11 -16.60
N ILE B 296 35.46 -17.97 -16.59
CA ILE B 296 36.11 -16.66 -16.59
C ILE B 296 37.03 -16.48 -17.78
N ALA B 297 37.26 -15.24 -18.18
CA ALA B 297 38.13 -14.92 -19.32
C ALA B 297 39.21 -13.90 -18.97
N ASP B 298 40.33 -13.94 -19.67
CA ASP B 298 41.37 -12.99 -19.38
C ASP B 298 41.09 -11.71 -20.16
N ASN B 299 39.96 -11.68 -20.85
CA ASN B 299 39.60 -10.50 -21.62
C ASN B 299 38.11 -10.49 -22.04
N PHE B 300 37.49 -9.31 -22.07
CA PHE B 300 36.07 -9.21 -22.42
C PHE B 300 35.81 -9.26 -23.90
N ASP B 301 36.14 -10.36 -24.52
CA ASP B 301 35.87 -10.51 -25.92
C ASP B 301 35.67 -12.00 -26.09
N ASN B 302 34.92 -12.39 -27.12
CA ASN B 302 34.60 -13.81 -27.34
C ASN B 302 35.77 -14.78 -27.43
N ASN B 303 36.84 -14.36 -28.11
CA ASN B 303 38.04 -15.18 -28.30
C ASN B 303 39.12 -14.84 -27.30
N ALA B 304 38.82 -15.04 -26.03
CA ALA B 304 39.78 -14.75 -24.98
C ALA B 304 40.03 -16.07 -24.26
N ASN B 305 41.20 -16.23 -23.70
CA ASN B 305 41.50 -17.47 -22.98
C ASN B 305 40.55 -17.56 -21.80
N THR B 306 40.10 -18.76 -21.46
CA THR B 306 39.19 -18.88 -20.34
C THR B 306 39.47 -20.07 -19.46
N LYS B 307 38.69 -20.23 -18.41
CA LYS B 307 38.82 -21.34 -17.50
C LYS B 307 37.72 -21.24 -16.48
N PHE B 308 37.66 -22.15 -15.54
CA PHE B 308 36.61 -22.08 -14.54
C PHE B 308 37.19 -21.96 -13.13
N VAL B 309 36.34 -21.61 -12.18
CA VAL B 309 36.71 -21.42 -10.78
C VAL B 309 35.44 -21.55 -9.98
N THR B 310 35.54 -21.56 -8.65
CA THR B 310 34.34 -21.67 -7.84
C THR B 310 34.30 -20.57 -6.83
N ASP B 311 33.14 -20.36 -6.21
CA ASP B 311 33.03 -19.32 -5.23
C ASP B 311 34.16 -19.49 -4.21
N GLU B 312 34.72 -20.70 -4.15
CA GLU B 312 35.81 -21.00 -3.23
C GLU B 312 37.14 -20.52 -3.78
N GLU B 313 37.39 -20.93 -5.02
CA GLU B 313 38.62 -20.60 -5.70
C GLU B 313 38.69 -19.13 -6.06
N GLY B 314 37.56 -18.46 -6.18
CA GLY B 314 37.63 -17.07 -6.55
C GLY B 314 38.19 -16.83 -7.95
N ILE B 315 38.13 -15.57 -8.38
CA ILE B 315 38.57 -15.18 -9.70
C ILE B 315 39.94 -14.50 -9.69
N PRO B 316 40.79 -14.80 -10.67
CA PRO B 316 42.12 -14.22 -10.78
C PRO B 316 42.05 -12.72 -10.65
N ASP B 317 43.18 -12.05 -10.85
CA ASP B 317 43.18 -10.61 -10.67
C ASP B 317 42.99 -9.77 -11.90
N ASN B 318 43.10 -10.40 -13.06
CA ASN B 318 42.88 -9.65 -14.28
C ASN B 318 41.87 -10.38 -15.13
N TRP B 319 41.22 -11.34 -14.50
CA TRP B 319 40.20 -12.13 -15.16
C TRP B 319 38.83 -11.65 -14.71
N GLY B 321 34.43 -12.90 -14.71
CA GLY B 321 33.41 -13.89 -14.98
C GLY B 321 32.40 -13.39 -15.98
N LEU B 322 32.09 -14.23 -16.97
CA LEU B 322 31.15 -13.86 -18.01
C LEU B 322 29.98 -14.83 -18.19
N ASP B 323 30.06 -16.01 -17.58
CA ASP B 323 28.99 -16.99 -17.71
C ASP B 323 29.05 -17.87 -16.52
N ALA B 324 27.92 -18.48 -16.19
CA ALA B 324 27.82 -19.37 -15.05
C ALA B 324 28.58 -20.65 -15.32
N GLY B 325 29.12 -21.22 -14.26
CA GLY B 325 29.86 -22.45 -14.38
C GLY B 325 29.01 -23.67 -14.63
N PRO B 326 29.67 -24.78 -14.95
CA PRO B 326 28.94 -26.01 -15.21
C PRO B 326 28.22 -26.51 -13.96
N LYS B 327 28.85 -26.37 -12.82
CA LYS B 327 28.20 -26.86 -11.63
C LYS B 327 26.86 -26.18 -11.49
N SER B 328 26.89 -24.87 -11.39
CA SER B 328 25.70 -24.07 -11.22
C SER B 328 24.69 -24.41 -12.30
N ILE B 329 25.17 -24.61 -13.52
CA ILE B 329 24.23 -24.96 -14.59
C ILE B 329 23.41 -26.20 -14.19
N GLU B 330 24.11 -27.21 -13.72
CA GLU B 330 23.50 -28.45 -13.29
C GLU B 330 22.51 -28.17 -12.16
N ASN B 331 22.92 -27.37 -11.20
CA ASN B 331 22.07 -27.10 -10.06
C ASN B 331 20.72 -26.57 -10.37
N TYR B 332 20.62 -25.74 -11.40
CA TYR B 332 19.30 -25.26 -11.63
C TYR B 332 18.61 -26.12 -12.63
N LYS B 333 18.27 -27.30 -12.13
CA LYS B 333 17.57 -28.29 -12.94
C LYS B 333 16.45 -28.74 -12.06
N ASP B 334 16.78 -28.88 -10.79
CA ASP B 334 15.81 -29.27 -9.80
C ASP B 334 15.09 -28.02 -9.44
N VAL B 335 15.71 -26.89 -9.74
CA VAL B 335 15.09 -25.65 -9.39
C VAL B 335 13.97 -25.42 -10.38
N ILE B 336 14.28 -25.67 -11.66
CA ILE B 336 13.28 -25.47 -12.69
C ILE B 336 12.17 -26.52 -12.79
N LEU B 337 12.57 -27.76 -13.07
CA LEU B 337 11.67 -28.91 -13.30
C LEU B 337 10.66 -29.18 -12.21
N THR B 338 10.91 -28.69 -11.00
CA THR B 338 10.03 -28.90 -9.86
C THR B 338 9.09 -27.71 -9.62
N SER B 339 9.13 -26.72 -10.50
CA SER B 339 8.26 -25.54 -10.31
C SER B 339 7.02 -25.78 -11.11
N LYS B 340 5.89 -25.27 -10.65
CA LYS B 340 4.68 -25.47 -11.40
C LYS B 340 4.41 -24.24 -12.24
N THR B 341 5.08 -23.15 -11.89
CA THR B 341 4.97 -21.90 -12.61
C THR B 341 6.34 -21.12 -12.60
N VAL B 342 6.71 -20.51 -13.75
CA VAL B 342 8.01 -19.79 -13.90
C VAL B 342 8.01 -18.39 -14.54
N ILE B 343 8.77 -17.48 -13.99
CA ILE B 343 8.79 -16.13 -14.57
C ILE B 343 10.24 -15.86 -14.89
N TRP B 344 10.57 -15.73 -16.15
CA TRP B 344 11.97 -15.54 -16.45
C TRP B 344 12.57 -14.14 -16.47
N ASN B 345 12.74 -13.48 -17.59
CA ASN B 345 13.39 -12.15 -17.48
C ASN B 345 14.80 -12.03 -16.77
N GLY B 346 15.84 -12.21 -17.60
CA GLY B 346 17.23 -12.11 -17.16
C GLY B 346 18.18 -13.17 -17.74
N PRO B 347 19.02 -12.86 -18.75
CA PRO B 347 19.91 -13.92 -19.22
C PRO B 347 20.85 -14.29 -18.07
N GLN B 348 21.68 -15.31 -18.26
CA GLN B 348 22.59 -15.74 -17.20
C GLN B 348 24.08 -15.56 -17.57
N GLY B 349 24.36 -14.81 -18.62
CA GLY B 349 25.73 -14.61 -19.00
C GLY B 349 25.68 -13.89 -20.32
N VAL B 350 26.83 -13.39 -20.78
CA VAL B 350 26.90 -12.66 -22.05
C VAL B 350 26.45 -13.58 -23.20
N PHE B 351 25.18 -13.97 -23.22
CA PHE B 351 24.71 -14.90 -24.25
C PHE B 351 24.92 -14.48 -25.70
N GLU B 352 25.05 -13.18 -25.97
CA GLU B 352 25.26 -12.71 -27.34
C GLU B 352 26.67 -13.10 -27.79
N PRO B 354 28.77 -16.09 -28.06
CA PRO B 354 28.73 -17.57 -28.18
C PRO B 354 29.37 -18.43 -27.06
N ASN B 355 30.63 -18.21 -26.74
CA ASN B 355 31.25 -19.00 -25.69
C ASN B 355 30.57 -18.82 -24.33
N PHE B 356 30.24 -17.57 -23.98
CA PHE B 356 29.58 -17.29 -22.72
C PHE B 356 28.04 -17.33 -22.79
N ALA B 357 27.53 -18.14 -23.72
CA ALA B 357 26.09 -18.32 -23.92
C ALA B 357 25.54 -19.64 -23.33
N LYS B 358 26.41 -20.63 -23.18
CA LYS B 358 26.01 -21.95 -22.65
C LYS B 358 25.06 -21.98 -21.46
N GLY B 359 25.25 -21.07 -20.51
CA GLY B 359 24.40 -21.07 -19.33
C GLY B 359 22.99 -20.63 -19.57
N SER B 360 22.86 -19.56 -20.34
CA SER B 360 21.55 -19.00 -20.64
C SER B 360 20.77 -19.98 -21.52
N ILE B 361 21.49 -20.63 -22.41
CA ILE B 361 20.88 -21.60 -23.32
C ILE B 361 20.33 -22.81 -22.56
N GLU B 362 21.13 -23.38 -21.66
CA GLU B 362 20.67 -24.53 -20.88
C GLU B 362 19.46 -24.15 -20.05
N CYS B 363 19.49 -22.96 -19.45
CA CYS B 363 18.38 -22.50 -18.65
C CYS B 363 17.15 -22.49 -19.56
N LEU B 364 17.29 -22.00 -20.77
CA LEU B 364 16.14 -21.98 -21.64
C LEU B 364 15.51 -23.35 -21.81
N ASN B 365 16.34 -24.35 -22.14
CA ASN B 365 15.89 -25.73 -22.39
C ASN B 365 15.09 -26.25 -21.24
N LEU B 366 15.65 -26.04 -20.07
CA LEU B 366 15.02 -26.42 -18.82
C LEU B 366 13.65 -25.81 -18.59
N VAL B 367 13.49 -24.55 -19.01
CA VAL B 367 12.22 -23.85 -18.90
C VAL B 367 11.25 -24.44 -19.90
N VAL B 368 11.77 -24.79 -21.09
CA VAL B 368 10.90 -25.35 -22.11
C VAL B 368 10.42 -26.74 -21.69
N GLU B 369 11.35 -27.49 -21.12
CA GLU B 369 11.09 -28.84 -20.70
C GLU B 369 10.02 -28.90 -19.65
N VAL B 370 10.12 -28.09 -18.62
CA VAL B 370 9.12 -28.09 -17.55
C VAL B 370 7.81 -27.57 -18.12
N THR B 371 7.85 -26.96 -19.29
CA THR B 371 6.62 -26.43 -19.87
C THR B 371 5.77 -27.55 -20.41
N LYS B 372 6.37 -28.39 -21.23
CA LYS B 372 5.62 -29.48 -21.77
C LYS B 372 5.27 -30.40 -20.61
N LYS B 373 5.94 -30.24 -19.49
CA LYS B 373 5.58 -31.06 -18.35
C LYS B 373 4.30 -30.57 -17.69
N GLY B 374 3.75 -29.44 -18.15
CA GLY B 374 2.52 -28.93 -17.57
C GLY B 374 2.64 -27.51 -17.06
N ALA B 375 3.69 -27.27 -16.30
CA ALA B 375 4.01 -25.97 -15.71
C ALA B 375 3.87 -24.76 -16.64
N ILE B 376 3.44 -23.62 -16.10
CA ILE B 376 3.31 -22.42 -16.91
C ILE B 376 4.56 -21.55 -16.80
N THR B 377 5.02 -21.01 -17.94
CA THR B 377 6.21 -20.16 -17.92
C THR B 377 5.94 -18.83 -18.60
N ILE B 378 6.61 -17.78 -18.15
CA ILE B 378 6.46 -16.45 -18.73
C ILE B 378 7.82 -15.80 -18.92
N VAL B 379 8.17 -15.42 -20.15
CA VAL B 379 9.46 -14.78 -20.40
C VAL B 379 9.26 -13.30 -20.30
N GLY B 380 10.20 -12.67 -19.59
CA GLY B 380 10.18 -11.24 -19.34
C GLY B 380 10.30 -10.22 -20.44
N GLY B 381 11.44 -9.53 -20.49
CA GLY B 381 11.59 -8.50 -21.50
C GLY B 381 12.54 -8.85 -22.63
N GLY B 382 13.19 -7.81 -23.15
CA GLY B 382 14.15 -7.99 -24.22
C GLY B 382 15.23 -8.97 -23.81
N ASP B 383 16.35 -8.97 -24.51
CA ASP B 383 17.42 -9.92 -24.19
C ASP B 383 16.87 -11.32 -24.02
N THR B 384 16.20 -11.58 -22.90
CA THR B 384 15.62 -12.88 -22.62
C THR B 384 14.74 -13.28 -23.78
N ALA B 385 13.96 -12.35 -24.27
CA ALA B 385 13.09 -12.66 -25.40
C ALA B 385 13.97 -12.82 -26.63
N SER B 386 14.93 -11.94 -26.80
CA SER B 386 15.83 -11.99 -27.93
C SER B 386 16.43 -13.37 -28.00
N LEU B 387 16.71 -13.95 -26.84
CA LEU B 387 17.34 -15.26 -26.73
C LEU B 387 16.42 -16.41 -27.15
N VAL B 388 15.16 -16.28 -26.73
CA VAL B 388 14.10 -17.22 -27.01
C VAL B 388 13.78 -17.15 -28.51
N GLU B 389 13.98 -15.98 -29.08
CA GLU B 389 13.69 -15.72 -30.47
C GLU B 389 14.85 -16.16 -31.35
N GLN B 390 16.06 -16.03 -30.82
CA GLN B 390 17.24 -16.43 -31.55
C GLN B 390 17.22 -17.97 -31.62
N GLN B 391 16.70 -18.62 -30.58
CA GLN B 391 16.60 -20.08 -30.63
C GLN B 391 15.28 -20.47 -31.29
N ASN B 392 14.41 -19.51 -31.61
CA ASN B 392 13.15 -19.87 -32.23
C ASN B 392 12.28 -20.81 -31.37
N LYS B 393 12.35 -20.62 -30.07
CA LYS B 393 11.59 -21.42 -29.12
C LYS B 393 10.38 -20.63 -28.62
N LYS B 394 9.98 -19.62 -29.36
CA LYS B 394 8.85 -18.79 -28.96
C LYS B 394 7.64 -19.58 -28.46
N ASN B 395 7.19 -20.56 -29.22
CA ASN B 395 6.03 -21.35 -28.80
C ASN B 395 6.39 -22.57 -28.03
N GLU B 396 7.37 -22.44 -27.15
CA GLU B 396 7.77 -23.55 -26.31
C GLU B 396 7.42 -23.18 -24.91
N ILE B 397 7.22 -21.87 -24.74
CA ILE B 397 6.88 -21.26 -23.48
C ILE B 397 5.41 -20.88 -23.47
N SER B 398 4.82 -20.85 -22.27
CA SER B 398 3.44 -20.46 -22.13
C SER B 398 3.16 -19.05 -22.69
N HIS B 399 3.96 -18.08 -22.27
CA HIS B 399 3.78 -16.69 -22.69
C HIS B 399 5.11 -15.94 -22.79
N VAL B 400 5.22 -15.00 -23.73
CA VAL B 400 6.42 -14.18 -23.87
C VAL B 400 5.92 -12.75 -24.03
N SER B 401 6.06 -11.92 -23.00
CA SER B 401 5.53 -10.55 -23.07
C SER B 401 6.13 -9.72 -24.19
N THR B 402 5.24 -9.27 -25.06
CA THR B 402 5.63 -8.48 -26.23
C THR B 402 5.86 -7.01 -25.92
N GLY B 403 6.32 -6.70 -24.73
CA GLY B 403 6.56 -5.29 -24.45
C GLY B 403 7.10 -5.09 -23.07
N GLY B 404 8.42 -5.20 -22.97
CA GLY B 404 9.08 -5.04 -21.69
C GLY B 404 8.57 -3.85 -20.89
N GLY B 405 8.28 -2.73 -21.57
CA GLY B 405 7.82 -1.54 -20.89
C GLY B 405 6.92 -1.84 -19.72
N ALA B 406 5.74 -2.31 -20.08
CA ALA B 406 4.72 -2.67 -19.13
C ALA B 406 4.97 -4.01 -18.45
N SER B 407 5.67 -4.95 -19.10
CA SER B 407 5.94 -6.24 -18.48
C SER B 407 6.74 -6.00 -17.20
N LEU B 408 7.78 -5.18 -17.29
CA LEU B 408 8.59 -4.89 -16.12
C LEU B 408 7.81 -4.19 -15.01
N GLU B 409 7.16 -3.07 -15.30
CA GLU B 409 6.37 -2.30 -14.31
C GLU B 409 5.37 -3.18 -13.58
N LEU B 410 4.77 -4.10 -14.31
CA LEU B 410 3.80 -5.01 -13.74
C LEU B 410 4.51 -5.84 -12.68
N LEU B 411 5.54 -6.58 -13.10
CA LEU B 411 6.34 -7.43 -12.23
C LEU B 411 6.91 -6.67 -11.07
N GLU B 412 6.91 -5.35 -11.18
CA GLU B 412 7.44 -4.46 -10.16
C GLU B 412 6.40 -4.11 -9.12
N GLY B 413 5.13 -4.18 -9.49
CA GLY B 413 4.10 -3.80 -8.57
C GLY B 413 3.29 -2.66 -9.15
N LYS B 414 3.84 -1.85 -10.05
CA LYS B 414 3.07 -0.75 -10.65
C LYS B 414 1.65 -1.11 -11.04
N GLU B 415 0.81 -0.10 -11.15
CA GLU B 415 -0.59 -0.32 -11.46
C GLU B 415 -0.90 -0.46 -12.91
N LEU B 416 -0.25 0.25 -13.81
CA LEU B 416 -0.59 0.01 -15.22
C LEU B 416 -1.96 0.65 -15.55
N PRO B 417 -1.94 1.96 -15.78
CA PRO B 417 -3.13 2.73 -16.09
C PRO B 417 -3.96 2.15 -17.24
N GLY B 418 -3.30 1.82 -18.33
CA GLY B 418 -4.02 1.32 -19.50
C GLY B 418 -4.89 0.12 -19.31
N VAL B 419 -4.58 -0.62 -18.24
CA VAL B 419 -5.28 -1.83 -17.88
C VAL B 419 -6.44 -1.50 -16.96
N LEU B 420 -6.26 -0.50 -16.10
CA LEU B 420 -7.32 -0.08 -15.18
C LEU B 420 -8.45 0.61 -15.94
N ALA B 421 -8.12 1.17 -17.09
CA ALA B 421 -9.08 1.86 -17.91
C ALA B 421 -10.03 0.94 -18.67
N LEU B 422 -9.72 -0.36 -18.72
CA LEU B 422 -10.62 -1.28 -19.40
C LEU B 422 -11.71 -1.66 -18.43
N SER B 423 -12.93 -1.78 -18.96
CA SER B 423 -14.14 -2.16 -18.22
C SER B 423 -13.97 -3.56 -17.62
N ASN B 424 -15.09 -4.20 -17.26
CA ASN B 424 -15.03 -5.53 -16.65
C ASN B 424 -16.03 -6.54 -17.20
N HIS C 2 4.09 5.15 31.75
CA HIS C 2 2.62 4.91 31.67
C HIS C 2 2.31 3.80 32.66
N SER C 3 3.34 3.38 33.38
CA SER C 3 3.24 2.34 34.40
C SER C 3 2.85 3.01 35.73
N HIS C 5 0.44 5.92 35.42
CA HIS C 5 -0.73 6.71 35.00
C HIS C 5 -2.02 5.98 35.37
N HIS C 6 -2.80 6.60 36.24
CA HIS C 6 -4.07 6.06 36.71
C HIS C 6 -5.25 6.57 35.90
N HIS C 7 -5.92 5.60 35.26
CA HIS C 7 -7.08 5.83 34.43
C HIS C 7 -8.34 5.58 35.27
N HIS C 8 -9.08 6.65 35.57
CA HIS C 8 -10.28 6.55 36.38
C HIS C 8 -11.48 6.15 35.53
N HIS C 9 -12.05 5.00 35.83
CA HIS C 9 -13.19 4.51 35.09
C HIS C 9 -14.45 4.40 35.94
N HIS C 10 -14.42 4.97 37.14
CA HIS C 10 -15.58 4.92 38.03
C HIS C 10 -15.73 3.51 38.58
N LEU C 11 -14.65 2.75 38.66
CA LEU C 11 -14.77 1.40 39.15
C LEU C 11 -14.41 1.18 40.60
N GLY C 12 -13.12 1.25 40.90
CA GLY C 12 -12.64 1.06 42.24
C GLY C 12 -13.37 1.74 43.37
N ASN C 13 -13.45 3.06 43.38
CA ASN C 13 -14.10 3.81 44.45
C ASN C 13 -15.63 3.67 44.72
N LYS C 14 -16.26 2.54 44.43
CA LYS C 14 -17.70 2.42 44.63
C LYS C 14 -18.15 1.71 45.88
N LEU C 15 -18.89 2.44 46.72
CA LEU C 15 -19.45 1.94 47.98
C LEU C 15 -19.94 0.49 47.94
N SER C 16 -19.53 -0.36 48.88
CA SER C 16 -19.97 -1.75 48.88
C SER C 16 -20.71 -2.06 50.16
N ILE C 17 -21.24 -3.27 50.25
CA ILE C 17 -21.99 -3.68 51.44
C ILE C 17 -21.15 -3.70 52.67
N SER C 18 -19.85 -3.84 52.50
CA SER C 18 -18.94 -3.87 53.63
C SER C 18 -18.99 -2.53 54.37
N ASP C 19 -18.90 -1.44 53.60
CA ASP C 19 -18.92 -0.06 54.10
C ASP C 19 -20.23 0.25 54.86
N LEU C 20 -21.36 -0.22 54.36
CA LEU C 20 -22.64 0.05 55.01
C LEU C 20 -22.54 -0.31 56.47
N LYS C 21 -22.63 0.71 57.32
CA LYS C 21 -22.56 0.49 58.75
C LYS C 21 -23.92 0.03 59.27
N ASP C 22 -24.65 1.00 59.81
CA ASP C 22 -25.98 0.79 60.39
C ASP C 22 -27.01 0.20 59.42
N ILE C 23 -27.05 -1.12 59.36
CA ILE C 23 -27.98 -1.81 58.50
C ILE C 23 -29.13 -2.27 59.39
N LYS C 24 -28.78 -2.70 60.60
CA LYS C 24 -29.76 -3.21 61.55
C LYS C 24 -31.05 -2.45 61.55
N ASN C 25 -32.13 -3.20 61.50
CA ASN C 25 -33.45 -2.62 61.52
C ASN C 25 -33.77 -1.75 60.33
N LYS C 26 -33.37 -2.20 59.14
CA LYS C 26 -33.66 -1.46 57.91
C LYS C 26 -34.19 -2.39 56.84
N LYS C 27 -35.16 -1.91 56.09
CA LYS C 27 -35.69 -2.69 55.01
C LYS C 27 -34.69 -2.48 53.87
N VAL C 28 -34.04 -3.57 53.46
CA VAL C 28 -33.05 -3.49 52.37
C VAL C 28 -33.61 -4.20 51.16
N LEU C 29 -33.39 -3.62 49.98
CA LEU C 29 -33.88 -4.24 48.78
C LEU C 29 -32.66 -4.69 47.98
N VAL C 30 -32.60 -5.95 47.54
CA VAL C 30 -31.45 -6.37 46.72
C VAL C 30 -31.81 -6.84 45.29
N ARG C 31 -31.05 -6.39 44.29
CA ARG C 31 -31.34 -6.78 42.91
C ARG C 31 -30.36 -7.89 42.70
N VAL C 32 -30.83 -9.10 42.44
CA VAL C 32 -29.89 -10.20 42.26
C VAL C 32 -30.09 -10.80 40.89
N ASP C 33 -29.27 -11.80 40.56
CA ASP C 33 -29.39 -12.48 39.26
C ASP C 33 -29.83 -13.91 39.40
N PHE C 34 -31.14 -14.13 39.28
CA PHE C 34 -31.74 -15.44 39.42
C PHE C 34 -32.14 -16.07 38.10
N ASN C 35 -31.44 -15.73 37.04
CA ASN C 35 -31.75 -16.26 35.71
C ASN C 35 -31.25 -17.70 35.64
N VAL C 36 -31.81 -18.58 36.45
CA VAL C 36 -31.36 -19.97 36.42
C VAL C 36 -32.18 -20.77 35.43
N PRO C 37 -31.60 -21.87 34.89
CA PRO C 37 -32.22 -22.77 33.90
C PRO C 37 -33.22 -23.69 34.58
N ILE C 38 -34.48 -23.31 34.59
CA ILE C 38 -35.53 -24.10 35.21
C ILE C 38 -35.95 -25.15 34.18
N GLU C 39 -36.59 -26.21 34.64
CA GLU C 39 -37.06 -27.26 33.74
C GLU C 39 -38.13 -28.16 34.37
N ASN C 40 -39.34 -28.04 33.84
CA ASN C 40 -40.46 -28.81 34.34
C ASN C 40 -40.67 -28.45 35.81
N GLY C 41 -40.39 -27.20 36.15
CA GLY C 41 -40.55 -26.74 37.52
C GLY C 41 -39.39 -27.08 38.46
N ILE C 42 -38.34 -27.70 37.92
CA ILE C 42 -37.16 -28.09 38.70
C ILE C 42 -35.91 -27.31 38.30
N ILE C 43 -35.34 -26.57 39.24
CA ILE C 43 -34.15 -25.80 38.93
C ILE C 43 -33.05 -26.77 38.62
N LYS C 44 -32.58 -26.70 37.38
CA LYS C 44 -31.55 -27.59 36.90
C LYS C 44 -30.15 -27.13 37.34
N ASP C 45 -30.04 -25.92 37.89
CA ASP C 45 -28.74 -25.44 38.34
C ASP C 45 -28.78 -24.25 39.33
N THR C 46 -28.57 -24.55 40.60
CA THR C 46 -28.64 -23.53 41.63
C THR C 46 -27.34 -22.83 41.91
N ASN C 47 -26.66 -22.46 40.86
CA ASN C 47 -25.41 -21.78 41.05
C ASN C 47 -25.53 -20.33 41.26
N ARG C 48 -26.34 -19.64 40.47
CA ARG C 48 -26.50 -18.20 40.64
C ARG C 48 -27.25 -17.92 41.94
N ILE C 49 -27.99 -18.92 42.42
CA ILE C 49 -28.79 -18.73 43.61
C ILE C 49 -27.98 -18.88 44.86
N THR C 50 -27.06 -19.83 44.89
CA THR C 50 -26.25 -20.02 46.08
C THR C 50 -25.23 -18.91 46.17
N ALA C 51 -24.91 -18.25 45.05
CA ALA C 51 -23.91 -17.17 45.04
C ALA C 51 -24.35 -15.93 45.78
N THR C 52 -25.66 -15.75 45.96
CA THR C 52 -26.17 -14.57 46.66
C THR C 52 -26.18 -14.80 48.15
N LEU C 53 -25.97 -16.04 48.60
CA LEU C 53 -25.99 -16.30 50.02
C LEU C 53 -25.11 -15.32 50.86
N PRO C 54 -23.89 -15.00 50.37
CA PRO C 54 -23.00 -14.09 51.07
C PRO C 54 -23.70 -12.79 51.37
N THR C 55 -24.26 -12.19 50.34
CA THR C 55 -24.91 -10.94 50.61
C THR C 55 -26.07 -11.12 51.58
N ILE C 56 -27.01 -11.99 51.22
CA ILE C 56 -28.17 -12.24 52.04
C ILE C 56 -27.84 -12.46 53.49
N ASN C 57 -26.93 -13.39 53.76
CA ASN C 57 -26.55 -13.65 55.14
C ASN C 57 -26.01 -12.42 55.79
N HIS C 58 -25.00 -11.82 55.18
CA HIS C 58 -24.42 -10.63 55.79
C HIS C 58 -25.44 -9.56 56.17
N LEU C 59 -26.53 -9.49 55.41
CA LEU C 59 -27.61 -8.54 55.66
C LEU C 59 -28.44 -9.01 56.85
N LYS C 60 -28.88 -10.27 56.80
CA LYS C 60 -29.68 -10.91 57.84
C LYS C 60 -28.90 -10.91 59.14
N LYS C 61 -27.62 -11.21 59.04
CA LYS C 61 -26.76 -11.26 60.19
C LYS C 61 -26.58 -9.88 60.76
N GLU C 62 -26.51 -8.88 59.90
CA GLU C 62 -26.34 -7.51 60.34
C GLU C 62 -27.59 -6.91 60.94
N GLY C 63 -28.65 -7.71 61.05
CA GLY C 63 -29.88 -7.22 61.63
C GLY C 63 -30.95 -6.69 60.71
N ALA C 64 -30.67 -6.61 59.42
CA ALA C 64 -31.65 -6.10 58.47
C ALA C 64 -33.10 -6.42 58.83
N SER C 65 -33.92 -5.37 58.96
CA SER C 65 -35.32 -5.56 59.29
C SER C 65 -36.03 -6.55 58.36
N LYS C 66 -35.80 -6.38 57.06
CA LYS C 66 -36.38 -7.21 55.98
C LYS C 66 -35.45 -7.30 54.74
N ILE C 67 -35.19 -8.51 54.25
CA ILE C 67 -34.33 -8.68 53.09
C ILE C 67 -35.25 -8.99 51.94
N ILE C 68 -35.55 -8.01 51.10
CA ILE C 68 -36.47 -8.29 50.00
C ILE C 68 -35.77 -8.32 48.66
N LEU C 69 -35.74 -9.48 48.01
CA LEU C 69 -35.05 -9.62 46.75
C LEU C 69 -35.89 -9.47 45.49
N ILE C 70 -35.34 -8.81 44.49
CA ILE C 70 -36.04 -8.64 43.21
C ILE C 70 -35.02 -9.02 42.17
N SER C 71 -35.51 -9.64 41.11
CA SER C 71 -34.69 -10.16 40.02
C SER C 71 -35.54 -10.53 38.81
N HIS C 72 -34.92 -10.97 37.71
CA HIS C 72 -35.69 -11.36 36.54
C HIS C 72 -35.28 -12.73 36.04
N CYS C 73 -36.11 -13.35 35.20
CA CYS C 73 -35.82 -14.67 34.64
C CYS C 73 -36.34 -14.71 33.20
N GLY C 74 -35.53 -15.24 32.28
CA GLY C 74 -35.90 -15.31 30.88
C GLY C 74 -36.09 -13.95 30.23
N ARG C 75 -36.99 -13.87 29.25
CA ARG C 75 -37.28 -12.61 28.58
C ARG C 75 -38.75 -12.53 28.27
N PRO C 76 -39.61 -12.64 29.29
CA PRO C 76 -41.02 -12.56 29.01
C PRO C 76 -41.48 -11.19 28.53
N ASP C 77 -40.69 -10.49 27.72
CA ASP C 77 -41.03 -9.14 27.21
C ASP C 77 -42.31 -8.50 27.76
N GLY C 78 -42.24 -8.02 29.01
CA GLY C 78 -43.38 -7.37 29.66
C GLY C 78 -44.69 -8.10 29.66
N LEU C 79 -44.68 -9.37 30.01
CA LEU C 79 -45.90 -10.17 30.00
C LEU C 79 -45.68 -11.39 30.86
N ARG C 80 -46.60 -11.67 31.78
CA ARG C 80 -46.39 -12.80 32.65
C ARG C 80 -46.76 -14.15 32.10
N ASN C 81 -45.82 -15.08 32.11
CA ASN C 81 -46.07 -16.44 31.65
C ASN C 81 -45.21 -17.40 32.46
N GLU C 82 -45.89 -18.25 33.22
CA GLU C 82 -45.30 -19.24 34.11
C GLU C 82 -44.01 -19.81 33.60
N LYS C 83 -43.85 -19.82 32.30
CA LYS C 83 -42.63 -20.32 31.78
C LYS C 83 -41.41 -19.66 32.47
N TYR C 84 -41.59 -18.43 32.99
CA TYR C 84 -40.50 -17.69 33.64
C TYR C 84 -40.86 -17.10 34.99
N THR C 85 -41.28 -17.94 35.92
CA THR C 85 -41.64 -17.50 37.24
C THR C 85 -40.53 -17.85 38.19
N LEU C 86 -40.29 -16.95 39.13
CA LEU C 86 -39.25 -17.09 40.12
C LEU C 86 -39.71 -17.95 41.30
N LYS C 87 -41.01 -18.28 41.35
CA LYS C 87 -41.59 -19.08 42.43
C LYS C 87 -40.68 -20.25 42.85
N PRO C 88 -40.16 -21.03 41.89
CA PRO C 88 -39.29 -22.14 42.25
C PRO C 88 -38.12 -21.70 43.12
N VAL C 89 -37.48 -20.61 42.75
CA VAL C 89 -36.32 -20.13 43.49
C VAL C 89 -36.67 -19.81 44.95
N ALA C 90 -37.95 -19.71 45.24
CA ALA C 90 -38.32 -19.40 46.60
C ALA C 90 -38.19 -20.65 47.43
N GLU C 91 -38.62 -21.77 46.87
CA GLU C 91 -38.52 -23.02 47.58
C GLU C 91 -37.07 -23.35 47.75
N THR C 92 -36.25 -23.01 46.76
CA THR C 92 -34.84 -23.27 46.84
C THR C 92 -34.18 -22.50 47.99
N LEU C 93 -34.50 -21.22 48.11
CA LEU C 93 -33.91 -20.44 49.17
C LEU C 93 -34.32 -21.04 50.49
N LYS C 94 -35.56 -21.55 50.54
CA LYS C 94 -36.11 -22.16 51.74
C LYS C 94 -35.12 -23.16 52.29
N GLY C 95 -34.49 -23.94 51.41
CA GLY C 95 -33.55 -24.93 51.83
C GLY C 95 -32.12 -24.46 51.97
N LEU C 96 -31.79 -23.27 51.50
CA LEU C 96 -30.42 -22.80 51.65
C LEU C 96 -30.28 -21.97 52.92
N LEU C 97 -31.41 -21.40 53.35
CA LEU C 97 -31.42 -20.54 54.51
C LEU C 97 -31.96 -21.35 55.66
N GLY C 98 -32.75 -22.35 55.29
CA GLY C 98 -33.39 -23.19 56.26
C GLY C 98 -34.35 -22.33 57.07
N GLU C 99 -35.08 -21.43 56.42
CA GLU C 99 -36.00 -20.58 57.16
C GLU C 99 -37.31 -20.18 56.51
N GLU C 100 -37.72 -20.80 55.41
CA GLU C 100 -39.02 -20.39 54.88
C GLU C 100 -39.07 -18.97 54.34
N VAL C 101 -39.05 -18.83 53.03
CA VAL C 101 -39.08 -17.53 52.42
C VAL C 101 -40.45 -17.22 51.83
N LEU C 102 -40.80 -15.96 51.82
CA LEU C 102 -42.09 -15.52 51.34
C LEU C 102 -42.04 -15.20 49.84
N PHE C 103 -42.94 -15.73 49.04
CA PHE C 103 -42.94 -15.39 47.62
C PHE C 103 -44.18 -14.57 47.27
N LEU C 104 -44.06 -13.57 46.40
CA LEU C 104 -45.24 -12.79 46.05
C LEU C 104 -45.51 -12.70 44.54
N ASN C 105 -46.77 -12.76 44.17
CA ASN C 105 -47.17 -12.71 42.78
C ASN C 105 -46.96 -11.44 42.01
N ASP C 106 -47.06 -10.30 42.68
CA ASP C 106 -46.86 -8.99 42.04
C ASP C 106 -45.53 -8.32 42.45
N CYS C 107 -44.96 -7.49 41.56
CA CYS C 107 -43.65 -6.84 41.82
C CYS C 107 -43.76 -5.66 42.76
N VAL C 108 -44.70 -4.78 42.48
CA VAL C 108 -44.87 -3.63 43.33
C VAL C 108 -46.31 -3.27 43.54
N GLY C 109 -46.53 -2.08 44.09
CA GLY C 109 -47.90 -1.67 44.31
C GLY C 109 -48.26 -1.55 45.78
N LYS C 110 -49.40 -0.93 46.05
CA LYS C 110 -49.87 -0.74 47.42
C LYS C 110 -50.06 -2.10 48.10
N GLU C 111 -50.54 -3.08 47.32
CA GLU C 111 -50.77 -4.45 47.80
C GLU C 111 -49.51 -5.09 48.41
N VAL C 112 -48.43 -5.11 47.62
CA VAL C 112 -47.17 -5.70 48.02
C VAL C 112 -46.60 -5.07 49.28
N GLU C 113 -46.42 -3.76 49.27
CA GLU C 113 -45.89 -3.07 50.44
C GLU C 113 -46.54 -3.56 51.71
N ASP C 114 -47.75 -4.08 51.56
CA ASP C 114 -48.51 -4.60 52.69
C ASP C 114 -47.94 -5.92 53.12
N LYS C 115 -48.12 -6.91 52.26
CA LYS C 115 -47.61 -8.24 52.55
C LYS C 115 -46.24 -8.15 53.20
N ILE C 116 -45.31 -7.47 52.54
CA ILE C 116 -43.95 -7.32 53.05
C ILE C 116 -43.95 -6.93 54.51
N ASN C 117 -44.36 -5.69 54.75
CA ASN C 117 -44.38 -5.16 56.09
C ASN C 117 -44.98 -5.97 57.21
N ALA C 118 -45.74 -7.01 56.89
CA ALA C 118 -46.35 -7.80 57.94
C ALA C 118 -45.71 -9.17 58.14
N ALA C 119 -44.78 -9.52 57.27
CA ALA C 119 -44.15 -10.83 57.38
C ALA C 119 -43.13 -10.81 58.55
N LYS C 120 -42.74 -11.99 59.05
CA LYS C 120 -41.77 -12.13 60.17
C LYS C 120 -40.67 -11.08 60.13
N GLU C 121 -40.01 -10.82 61.24
CA GLU C 121 -38.97 -9.81 61.24
C GLU C 121 -37.83 -10.05 60.24
N ASN C 122 -36.72 -10.61 60.68
CA ASN C 122 -35.62 -10.81 59.76
C ASN C 122 -35.87 -11.64 58.51
N SER C 123 -37.13 -11.95 58.25
CA SER C 123 -37.48 -12.79 57.10
C SER C 123 -36.96 -12.29 55.75
N VAL C 124 -36.96 -13.18 54.77
CA VAL C 124 -36.51 -12.86 53.43
C VAL C 124 -37.66 -13.04 52.45
N ILE C 125 -37.93 -11.99 51.69
CA ILE C 125 -39.01 -12.04 50.72
C ILE C 125 -38.49 -12.04 49.28
N LEU C 126 -39.21 -12.71 48.38
CA LEU C 126 -38.80 -12.79 46.98
C LEU C 126 -39.91 -12.32 46.05
N LEU C 127 -39.77 -11.17 45.40
CA LEU C 127 -40.82 -10.69 44.51
C LEU C 127 -40.80 -11.37 43.15
N GLU C 128 -41.94 -11.37 42.46
CA GLU C 128 -42.01 -12.00 41.16
C GLU C 128 -41.08 -11.36 40.10
N ASN C 129 -40.95 -12.06 38.96
CA ASN C 129 -40.11 -11.65 37.84
C ASN C 129 -40.34 -10.18 37.44
N LEU C 130 -39.34 -9.33 37.62
CA LEU C 130 -39.47 -7.89 37.28
C LEU C 130 -39.87 -7.71 35.84
N ARG C 131 -39.16 -8.39 34.95
CA ARG C 131 -39.45 -8.24 33.53
C ARG C 131 -40.88 -8.64 33.15
N PHE C 132 -41.72 -8.97 34.11
CA PHE C 132 -43.11 -9.27 33.77
C PHE C 132 -43.78 -7.95 33.45
N HIS C 133 -43.35 -6.90 34.14
CA HIS C 133 -43.84 -5.53 33.92
C HIS C 133 -43.04 -4.98 32.77
N ILE C 134 -43.69 -4.28 31.87
CA ILE C 134 -43.01 -3.71 30.71
C ILE C 134 -42.08 -2.52 31.01
N GLU C 135 -42.27 -1.90 32.17
CA GLU C 135 -41.46 -0.76 32.57
C GLU C 135 -40.14 -1.15 33.25
N GLU C 136 -39.84 -2.44 33.29
CA GLU C 136 -38.57 -2.85 33.85
C GLU C 136 -37.61 -2.62 32.76
N GLU C 137 -37.80 -3.38 31.68
CA GLU C 137 -36.96 -3.26 30.53
C GLU C 137 -37.28 -1.99 29.77
N GLY C 138 -38.47 -1.44 29.92
CA GLY C 138 -38.76 -0.23 29.19
C GLY C 138 -39.57 -0.51 27.95
N LYS C 139 -39.60 -1.77 27.50
CA LYS C 139 -40.38 -2.13 26.33
C LYS C 139 -40.71 -3.60 26.40
N GLY C 140 -41.63 -4.07 25.56
CA GLY C 140 -41.98 -5.50 25.55
C GLY C 140 -42.66 -5.91 24.26
N VAL C 141 -43.56 -6.88 24.30
CA VAL C 141 -44.32 -7.26 23.12
C VAL C 141 -45.62 -7.77 23.66
N ASP C 142 -46.70 -7.44 22.96
CA ASP C 142 -48.08 -7.84 23.30
C ASP C 142 -48.34 -9.31 22.99
N ALA C 143 -49.58 -9.74 23.18
CA ALA C 143 -49.94 -11.12 22.90
C ALA C 143 -49.81 -11.50 21.43
N ASN C 144 -49.50 -10.55 20.55
CA ASN C 144 -49.38 -10.88 19.13
C ASN C 144 -47.96 -10.74 18.62
N GLY C 145 -47.01 -10.71 19.55
CA GLY C 145 -45.62 -10.57 19.15
C GLY C 145 -45.33 -9.21 18.58
N ASN C 146 -46.22 -8.26 18.82
CA ASN C 146 -46.01 -6.91 18.33
C ASN C 146 -45.26 -6.11 19.37
N LYS C 147 -44.21 -5.41 18.96
CA LYS C 147 -43.39 -4.61 19.90
C LYS C 147 -44.13 -3.44 20.52
N VAL C 148 -44.30 -3.49 21.84
CA VAL C 148 -44.98 -2.48 22.61
C VAL C 148 -43.96 -1.74 23.44
N LYS C 149 -44.11 -0.43 23.57
CA LYS C 149 -43.15 0.32 24.35
C LYS C 149 -43.74 0.79 25.65
N ALA C 150 -42.98 0.75 26.74
CA ALA C 150 -43.51 1.20 28.03
C ALA C 150 -43.87 2.69 28.06
N ASN C 151 -44.80 3.04 28.93
CA ASN C 151 -45.19 4.44 29.05
C ASN C 151 -44.37 5.26 30.02
N LYS C 152 -43.77 6.32 29.52
CA LYS C 152 -42.95 7.21 30.33
C LYS C 152 -43.47 7.52 31.74
N GLU C 153 -44.77 7.74 31.87
CA GLU C 153 -45.38 8.04 33.16
C GLU C 153 -45.47 6.79 34.01
N ASP C 154 -45.57 5.65 33.35
CA ASP C 154 -45.67 4.41 34.06
C ASP C 154 -44.33 3.94 34.49
N VAL C 155 -43.37 4.13 33.62
CA VAL C 155 -42.03 3.71 33.91
C VAL C 155 -41.55 4.54 35.07
N GLU C 156 -42.11 5.73 35.17
CA GLU C 156 -41.74 6.66 36.21
C GLU C 156 -42.35 6.22 37.51
N LYS C 157 -43.55 5.66 37.45
CA LYS C 157 -44.17 5.26 38.69
C LYS C 157 -43.53 3.97 39.21
N PHE C 158 -43.09 3.12 38.30
CA PHE C 158 -42.50 1.86 38.66
C PHE C 158 -41.27 2.13 39.49
N GLN C 159 -40.44 3.02 39.00
CA GLN C 159 -39.22 3.35 39.69
C GLN C 159 -39.49 3.89 41.06
N ASN C 160 -40.57 4.62 41.23
CA ASN C 160 -40.84 5.15 42.54
C ASN C 160 -41.37 4.11 43.50
N ASP C 161 -42.16 3.18 42.97
CA ASP C 161 -42.78 2.12 43.74
C ASP C 161 -41.74 1.16 44.26
N LEU C 162 -40.74 0.90 43.42
CA LEU C 162 -39.64 0.02 43.77
C LEU C 162 -38.91 0.77 44.86
N THR C 163 -38.63 2.04 44.62
CA THR C 163 -37.94 2.90 45.58
C THR C 163 -38.71 2.92 46.90
N LYS C 164 -40.03 2.74 46.82
CA LYS C 164 -40.89 2.74 47.99
C LYS C 164 -40.92 1.43 48.77
N LEU C 165 -40.10 0.49 48.37
CA LEU C 165 -40.07 -0.79 49.07
C LEU C 165 -39.08 -0.89 50.20
N ALA C 166 -38.01 -0.12 50.18
CA ALA C 166 -37.03 -0.22 51.25
C ALA C 166 -36.31 1.06 51.55
N ASP C 167 -35.33 0.98 52.45
CA ASP C 167 -34.54 2.14 52.86
C ASP C 167 -33.19 2.09 52.25
N VAL C 168 -32.55 0.95 52.24
CA VAL C 168 -31.25 0.94 51.56
C VAL C 168 -31.27 0.02 50.32
N PHE C 169 -30.46 0.33 49.32
CA PHE C 169 -30.43 -0.50 48.11
C PHE C 169 -29.12 -1.20 47.85
N ILE C 170 -29.21 -2.44 47.45
CA ILE C 170 -28.03 -3.21 47.12
C ILE C 170 -28.19 -3.93 45.77
N ASN C 171 -27.27 -3.64 44.87
CA ASN C 171 -27.28 -4.21 43.53
C ASN C 171 -26.19 -5.28 43.50
N ASP C 172 -26.57 -6.54 43.29
CA ASP C 172 -25.62 -7.65 43.19
C ASP C 172 -25.77 -8.26 41.79
N ALA C 173 -26.31 -7.46 40.87
CA ALA C 173 -26.54 -7.89 39.50
C ALA C 173 -25.59 -7.25 38.49
N PHE C 174 -24.29 -7.43 38.70
CA PHE C 174 -23.33 -6.84 37.79
C PHE C 174 -23.56 -7.28 36.39
N GLY C 175 -24.07 -8.46 36.19
CA GLY C 175 -24.29 -8.96 34.85
C GLY C 175 -25.18 -8.11 33.97
N THR C 176 -26.03 -7.31 34.60
CA THR C 176 -26.97 -6.50 33.85
C THR C 176 -26.78 -4.97 34.03
N ALA C 177 -25.70 -4.61 34.69
CA ALA C 177 -25.33 -3.22 34.91
C ALA C 177 -25.08 -2.45 33.60
N HIS C 178 -25.03 -3.13 32.45
CA HIS C 178 -24.80 -2.37 31.22
C HIS C 178 -26.13 -1.90 30.70
N ARG C 179 -27.19 -2.44 31.28
CA ARG C 179 -28.49 -2.08 30.80
C ARG C 179 -29.09 -0.96 31.65
N ALA C 180 -29.66 0.04 31.02
CA ALA C 180 -30.25 1.12 31.81
C ALA C 180 -31.68 0.82 32.27
N HIS C 181 -31.89 -0.37 32.85
CA HIS C 181 -33.22 -0.77 33.31
C HIS C 181 -33.63 -0.14 34.65
N SER C 182 -34.91 -0.23 34.99
CA SER C 182 -35.36 0.39 36.23
C SER C 182 -34.67 -0.17 37.44
N SER C 183 -34.62 -1.49 37.63
CA SER C 183 -33.96 -2.08 38.82
C SER C 183 -32.46 -1.82 38.87
N VAL C 185 -31.00 1.49 37.56
CA VAL C 185 -30.72 2.90 37.74
C VAL C 185 -31.87 3.71 38.29
N GLY C 186 -32.97 3.09 38.69
CA GLY C 186 -34.09 3.87 39.18
C GLY C 186 -34.49 3.78 40.63
N VAL C 187 -33.93 2.85 41.40
CA VAL C 187 -34.30 2.76 42.80
C VAL C 187 -33.64 3.97 43.46
N LYS C 188 -34.31 5.10 43.38
CA LYS C 188 -33.78 6.34 43.92
C LYS C 188 -33.64 6.34 45.45
N LEU C 189 -32.75 5.53 46.00
CA LEU C 189 -32.61 5.55 47.44
C LEU C 189 -31.38 6.29 47.82
N ASN C 190 -31.31 6.55 49.11
CA ASN C 190 -30.22 7.29 49.73
C ASN C 190 -28.86 6.57 49.65
N VAL C 191 -28.83 5.29 50.00
CA VAL C 191 -27.61 4.46 49.98
C VAL C 191 -27.72 3.40 48.90
N LYS C 192 -26.88 3.50 47.89
CA LYS C 192 -26.89 2.52 46.82
C LYS C 192 -25.51 1.88 46.86
N ALA C 193 -25.45 0.70 47.48
CA ALA C 193 -24.21 -0.06 47.65
C ALA C 193 -24.20 -1.30 46.76
N SER C 194 -23.02 -1.84 46.54
CA SER C 194 -22.91 -3.05 45.71
C SER C 194 -22.91 -4.29 46.60
N GLY C 195 -23.39 -5.41 46.05
CA GLY C 195 -23.43 -6.65 46.82
C GLY C 195 -22.08 -7.29 46.74
N PHE C 196 -21.81 -8.30 47.55
CA PHE C 196 -20.50 -8.93 47.51
C PHE C 196 -20.11 -9.39 46.14
N LEU C 197 -21.08 -9.85 45.36
CA LEU C 197 -20.73 -10.31 44.03
C LEU C 197 -20.26 -9.18 43.15
N LYS C 199 -19.01 -6.21 44.12
CA LYS C 199 -17.74 -5.84 44.65
C LYS C 199 -16.61 -6.60 43.92
N LYS C 200 -16.69 -7.93 43.84
CA LYS C 200 -15.65 -8.72 43.17
C LYS C 200 -15.40 -8.27 41.76
N GLU C 201 -16.45 -8.23 40.98
CA GLU C 201 -16.35 -7.86 39.59
C GLU C 201 -15.72 -6.48 39.45
N LEU C 202 -16.27 -5.52 40.19
CA LEU C 202 -15.83 -4.16 40.13
C LEU C 202 -14.39 -4.10 40.55
N GLU C 203 -14.11 -4.60 41.74
CA GLU C 203 -12.76 -4.60 42.26
C GLU C 203 -11.73 -5.09 41.27
N TYR C 204 -11.94 -6.28 40.74
CA TYR C 204 -10.96 -6.81 39.81
C TYR C 204 -10.86 -6.10 38.52
N PHE C 205 -11.98 -5.78 37.88
CA PHE C 205 -11.83 -5.05 36.63
C PHE C 205 -11.01 -3.79 36.80
N SER C 206 -11.02 -3.25 38.01
CA SER C 206 -10.24 -2.06 38.32
C SER C 206 -8.73 -2.40 38.27
N LYS C 207 -8.34 -3.52 38.90
CA LYS C 207 -6.93 -3.89 38.85
C LYS C 207 -6.58 -4.11 37.39
N ALA C 208 -7.52 -4.55 36.60
CA ALA C 208 -7.22 -4.79 35.21
C ALA C 208 -7.21 -3.59 34.29
N LEU C 209 -8.10 -2.62 34.51
CA LEU C 209 -8.16 -1.43 33.64
C LEU C 209 -7.74 -0.15 34.31
N GLU C 210 -8.15 0.03 35.55
CA GLU C 210 -7.80 1.21 36.32
C GLU C 210 -6.25 1.34 36.39
N ASN C 211 -5.64 0.67 37.37
CA ASN C 211 -4.19 0.74 37.55
C ASN C 211 -3.53 -0.64 37.36
N PRO C 212 -3.40 -1.08 36.10
CA PRO C 212 -2.81 -2.37 35.74
C PRO C 212 -1.36 -2.53 36.11
N GLN C 213 -1.03 -3.76 36.47
CA GLN C 213 0.32 -4.16 36.84
C GLN C 213 0.85 -4.66 35.51
N ARG C 214 1.67 -3.84 34.85
CA ARG C 214 2.19 -4.17 33.54
C ARG C 214 3.40 -5.05 33.64
N PRO C 215 3.75 -5.76 32.55
CA PRO C 215 3.07 -5.79 31.25
C PRO C 215 1.68 -6.40 31.38
N LEU C 216 0.71 -5.81 30.70
CA LEU C 216 -0.66 -6.31 30.73
C LEU C 216 -0.90 -7.08 29.44
N LEU C 217 -1.54 -8.24 29.51
CA LEU C 217 -1.78 -9.05 28.31
C LEU C 217 -3.26 -9.18 28.01
N ALA C 218 -3.65 -9.06 26.74
CA ALA C 218 -5.05 -9.32 26.42
C ALA C 218 -4.98 -10.54 25.50
N ILE C 219 -5.84 -11.53 25.72
CA ILE C 219 -5.87 -12.74 24.87
C ILE C 219 -7.27 -12.82 24.29
N LEU C 220 -7.43 -12.58 22.98
CA LEU C 220 -8.77 -12.61 22.41
C LEU C 220 -8.96 -13.83 21.54
N GLY C 221 -10.19 -14.33 21.42
CA GLY C 221 -10.40 -15.52 20.60
C GLY C 221 -11.73 -15.44 19.93
N GLY C 222 -12.21 -16.52 19.31
CA GLY C 222 -13.53 -16.46 18.71
C GLY C 222 -13.61 -16.54 17.22
N ALA C 223 -14.72 -16.94 16.65
CA ALA C 223 -14.72 -17.06 15.21
C ALA C 223 -14.60 -15.82 14.37
N LYS C 224 -15.45 -14.84 14.61
CA LYS C 224 -15.40 -13.65 13.79
C LYS C 224 -14.63 -12.54 14.47
N VAL C 225 -14.35 -11.48 13.72
CA VAL C 225 -13.66 -10.32 14.27
C VAL C 225 -14.60 -9.12 14.26
N SER C 226 -15.50 -9.03 13.31
CA SER C 226 -16.42 -7.89 13.21
C SER C 226 -17.18 -7.58 14.52
N ASP C 227 -17.61 -8.62 15.20
CA ASP C 227 -18.35 -8.43 16.42
C ASP C 227 -17.38 -8.22 17.59
N LYS C 228 -16.16 -7.76 17.31
CA LYS C 228 -15.13 -7.55 18.33
C LYS C 228 -14.15 -6.45 17.94
N ILE C 229 -14.55 -5.66 16.95
CA ILE C 229 -13.75 -4.55 16.43
C ILE C 229 -13.55 -3.48 17.45
N GLN C 230 -14.60 -3.25 18.23
CA GLN C 230 -14.60 -2.24 19.29
C GLN C 230 -13.87 -2.77 20.52
N LEU C 231 -14.00 -4.06 20.82
CA LEU C 231 -13.32 -4.58 21.97
C LEU C 231 -11.84 -4.46 21.71
N ILE C 232 -11.41 -5.04 20.59
CA ILE C 232 -10.02 -5.03 20.21
C ILE C 232 -9.43 -3.65 20.20
N LYS C 233 -10.05 -2.73 19.48
CA LYS C 233 -9.57 -1.36 19.36
C LYS C 233 -9.33 -0.72 20.72
N ASN C 234 -10.27 -0.95 21.59
CA ASN C 234 -10.19 -0.34 22.87
C ASN C 234 -9.00 -0.85 23.61
N LEU C 235 -8.94 -2.17 23.84
CA LEU C 235 -7.85 -2.75 24.57
C LEU C 235 -6.53 -2.25 24.00
N LEU C 236 -6.42 -2.16 22.68
CA LEU C 236 -5.18 -1.67 22.06
C LEU C 236 -4.56 -0.48 22.73
N ASP C 237 -5.31 0.56 23.07
CA ASP C 237 -4.56 1.63 23.66
C ASP C 237 -4.45 1.51 25.18
N LYS C 238 -4.41 0.28 25.65
CA LYS C 238 -4.29 0.05 27.07
C LYS C 238 -3.38 -1.13 27.36
N VAL C 239 -3.45 -2.15 26.53
CA VAL C 239 -2.65 -3.35 26.67
C VAL C 239 -1.18 -3.13 26.24
N ASP C 240 -0.26 -3.97 26.75
CA ASP C 240 1.16 -3.94 26.39
C ASP C 240 1.34 -5.02 25.32
N ARG C 241 0.57 -6.08 25.35
CA ARG C 241 0.75 -7.06 24.31
C ARG C 241 -0.42 -8.00 24.33
N ILE C 243 -2.63 -11.43 22.49
CA ILE C 243 -2.60 -12.60 21.65
C ILE C 243 -3.91 -12.64 20.85
N ILE C 244 -3.84 -12.92 19.56
CA ILE C 244 -5.03 -13.00 18.73
C ILE C 244 -5.19 -14.44 18.22
N GLY C 245 -6.20 -15.15 18.69
CA GLY C 245 -6.36 -16.52 18.25
C GLY C 245 -7.82 -16.88 17.98
N GLY C 246 -8.09 -18.13 17.62
CA GLY C 246 -9.46 -18.48 17.36
C GLY C 246 -9.73 -18.41 15.87
N GLY C 247 -10.97 -18.62 15.49
CA GLY C 247 -11.27 -18.57 14.08
C GLY C 247 -10.87 -17.24 13.50
N ALA C 249 -8.34 -15.64 13.91
CA ALA C 249 -6.94 -15.62 13.58
C ALA C 249 -6.69 -15.83 12.09
N TYR C 250 -7.53 -16.62 11.44
CA TYR C 250 -7.37 -16.90 10.00
C TYR C 250 -7.56 -15.68 9.12
N THR C 251 -8.59 -14.88 9.37
CA THR C 251 -8.77 -13.73 8.52
C THR C 251 -7.60 -12.71 8.68
N PHE C 252 -6.90 -12.76 9.80
CA PHE C 252 -5.77 -11.85 9.99
C PHE C 252 -4.57 -12.33 9.19
N LYS C 253 -4.36 -13.62 9.24
CA LYS C 253 -3.25 -14.26 8.56
C LYS C 253 -3.41 -14.01 7.05
N LYS C 254 -4.61 -14.32 6.53
CA LYS C 254 -4.95 -14.09 5.13
C LYS C 254 -4.68 -12.65 4.79
N VAL C 255 -5.35 -11.74 5.49
CA VAL C 255 -5.16 -10.34 5.20
C VAL C 255 -3.73 -9.87 5.33
N LEU C 256 -3.05 -10.12 6.43
CA LEU C 256 -1.70 -9.64 6.56
C LEU C 256 -0.73 -10.34 5.63
N ASN C 257 -0.25 -11.51 6.01
CA ASN C 257 0.73 -12.26 5.24
C ASN C 257 0.16 -13.00 4.02
N ASN C 258 -1.09 -12.71 3.69
CA ASN C 258 -1.72 -13.32 2.53
C ASN C 258 -1.52 -14.81 2.50
N LYS C 260 -2.47 -18.81 2.66
CA LYS C 260 -3.56 -19.58 2.09
C LYS C 260 -4.27 -20.21 3.29
N ILE C 261 -5.59 -20.13 3.31
CA ILE C 261 -6.29 -20.67 4.46
C ILE C 261 -7.27 -21.77 4.13
N GLY C 262 -7.48 -22.10 2.86
CA GLY C 262 -8.44 -23.16 2.57
C GLY C 262 -9.81 -22.90 3.17
N THR C 263 -10.60 -23.96 3.37
CA THR C 263 -11.98 -23.87 3.93
C THR C 263 -12.14 -23.11 5.25
N SER C 264 -11.04 -22.66 5.85
CA SER C 264 -11.11 -21.97 7.13
C SER C 264 -12.11 -20.81 7.14
N LEU C 265 -12.54 -20.39 8.32
CA LEU C 265 -13.51 -19.31 8.45
C LEU C 265 -12.89 -18.02 8.04
N PHE C 266 -13.60 -17.25 7.23
CA PHE C 266 -13.11 -15.94 6.81
C PHE C 266 -14.19 -14.90 7.08
N ASP C 267 -13.86 -13.83 7.83
CA ASP C 267 -14.78 -12.75 8.17
C ASP C 267 -14.67 -11.70 7.09
N GLU C 268 -15.68 -11.62 6.22
CA GLU C 268 -15.69 -10.65 5.11
C GLU C 268 -15.69 -9.28 5.74
N ALA C 269 -16.70 -9.01 6.56
CA ALA C 269 -16.77 -7.74 7.23
C ALA C 269 -15.49 -7.38 8.00
N GLY C 270 -14.97 -8.24 8.86
CA GLY C 270 -13.78 -7.86 9.61
C GLY C 270 -12.48 -7.71 8.83
N SER C 271 -12.41 -8.38 7.68
CA SER C 271 -11.22 -8.34 6.86
C SER C 271 -10.88 -6.92 6.46
N LYS C 272 -11.90 -6.09 6.38
CA LYS C 272 -11.79 -4.68 6.01
C LYS C 272 -11.28 -3.80 7.18
N ILE C 273 -10.96 -4.41 8.32
CA ILE C 273 -10.50 -3.64 9.48
C ILE C 273 -9.17 -4.06 10.04
N VAL C 274 -8.76 -5.28 9.69
CA VAL C 274 -7.50 -5.83 10.16
C VAL C 274 -6.42 -4.76 10.06
N GLY C 275 -6.46 -4.06 8.95
CA GLY C 275 -5.47 -3.02 8.71
C GLY C 275 -5.31 -2.00 9.80
N GLU C 276 -6.42 -1.35 10.14
CA GLU C 276 -6.39 -0.32 11.17
C GLU C 276 -5.89 -0.95 12.44
N ILE C 277 -6.40 -2.17 12.70
CA ILE C 277 -6.00 -2.89 13.91
C ILE C 277 -4.48 -2.95 14.07
N GLU C 279 -2.19 -1.39 12.61
CA GLU C 279 -1.59 -0.10 12.57
C GLU C 279 -1.68 0.59 13.90
N LYS C 280 -2.83 0.54 14.53
CA LYS C 280 -3.01 1.18 15.82
C LYS C 280 -2.14 0.52 16.82
N ALA C 281 -2.05 -0.81 16.71
CA ALA C 281 -1.22 -1.63 17.60
C ALA C 281 0.24 -1.18 17.49
N LYS C 282 0.70 -1.03 16.24
CA LYS C 282 2.05 -0.57 15.94
C LYS C 282 2.27 0.78 16.58
N ALA C 283 1.33 1.67 16.36
CA ALA C 283 1.39 2.99 16.91
C ALA C 283 1.48 2.97 18.40
N LYS C 284 0.42 2.43 19.01
CA LYS C 284 0.32 2.31 20.45
C LYS C 284 1.46 1.48 20.99
N ASN C 285 2.19 0.84 20.08
CA ASN C 285 3.32 0.02 20.50
C ASN C 285 2.78 -1.14 21.41
N VAL C 286 2.33 -2.21 20.75
CA VAL C 286 1.78 -3.35 21.44
C VAL C 286 2.22 -4.53 20.62
N GLN C 287 2.81 -5.53 21.28
CA GLN C 287 3.28 -6.72 20.58
C GLN C 287 2.10 -7.58 20.22
N ILE C 288 1.91 -7.92 18.95
CA ILE C 288 0.78 -8.73 18.63
C ILE C 288 1.19 -10.15 18.39
N PHE C 289 0.53 -11.10 19.06
CA PHE C 289 0.88 -12.51 18.87
C PHE C 289 -0.14 -13.43 18.14
N LEU C 290 0.03 -13.59 16.83
CA LEU C 290 -0.85 -14.48 16.08
C LEU C 290 -0.22 -15.85 15.90
N PRO C 291 -1.02 -16.88 15.63
CA PRO C 291 -0.46 -18.21 15.44
C PRO C 291 0.46 -18.42 14.25
N VAL C 292 1.44 -19.30 14.43
CA VAL C 292 2.44 -19.61 13.41
C VAL C 292 2.27 -21.00 12.76
N ASP C 293 1.43 -21.87 13.32
CA ASP C 293 1.14 -23.17 12.75
C ASP C 293 -0.24 -23.55 13.22
N PHE C 294 -0.89 -24.42 12.46
CA PHE C 294 -2.25 -24.80 12.79
C PHE C 294 -2.58 -26.28 12.56
N LYS C 295 -3.48 -26.81 13.38
CA LYS C 295 -3.95 -28.18 13.22
C LYS C 295 -5.13 -28.08 12.25
N ILE C 296 -5.05 -28.69 11.06
CA ILE C 296 -6.13 -28.62 10.07
C ILE C 296 -6.92 -29.90 9.91
N ALA C 297 -8.13 -29.84 9.39
CA ALA C 297 -8.95 -31.04 9.25
C ALA C 297 -9.71 -30.99 7.95
N ASP C 298 -10.09 -32.16 7.43
CA ASP C 298 -10.80 -32.18 6.15
C ASP C 298 -12.31 -32.20 6.30
N ASN C 299 -12.78 -31.89 7.48
CA ASN C 299 -14.19 -31.87 7.66
C ASN C 299 -14.50 -31.29 9.02
N PHE C 300 -15.57 -30.51 9.11
CA PHE C 300 -15.86 -29.93 10.38
C PHE C 300 -16.47 -30.99 11.26
N ASP C 301 -15.65 -31.94 11.67
CA ASP C 301 -16.10 -33.01 12.56
C ASP C 301 -14.99 -33.34 13.55
N ASN C 302 -15.35 -33.95 14.68
CA ASN C 302 -14.34 -34.31 15.66
C ASN C 302 -13.58 -35.53 15.17
N ASN C 303 -14.07 -36.12 14.08
CA ASN C 303 -13.42 -37.31 13.55
C ASN C 303 -12.55 -37.00 12.36
N ALA C 304 -12.94 -35.97 11.63
CA ALA C 304 -12.23 -35.57 10.44
C ALA C 304 -10.73 -35.84 10.51
N ASN C 305 -10.14 -36.06 9.34
CA ASN C 305 -8.73 -36.33 9.21
C ASN C 305 -7.98 -35.05 9.51
N THR C 306 -7.18 -35.09 10.57
CA THR C 306 -6.40 -33.94 11.01
C THR C 306 -4.99 -33.96 10.46
N LYS C 307 -4.21 -32.91 10.70
CA LYS C 307 -2.85 -32.80 10.18
C LYS C 307 -2.32 -31.44 10.67
N PHE C 308 -1.02 -31.21 10.58
CA PHE C 308 -0.48 -29.92 11.03
C PHE C 308 0.26 -29.15 9.94
N VAL C 309 0.11 -27.84 9.93
CA VAL C 309 0.74 -27.02 8.90
C VAL C 309 1.23 -25.73 9.51
N THR C 310 2.26 -25.14 8.92
CA THR C 310 2.83 -23.86 9.35
C THR C 310 2.33 -22.77 8.39
N ASP C 311 2.04 -21.58 8.92
CA ASP C 311 1.58 -20.50 8.06
C ASP C 311 2.30 -20.53 6.73
N GLU C 312 3.63 -20.58 6.74
CA GLU C 312 4.34 -20.62 5.46
C GLU C 312 3.75 -21.68 4.56
N GLU C 313 3.60 -22.89 5.07
CA GLU C 313 3.05 -23.95 4.25
C GLU C 313 1.63 -23.60 3.80
N GLY C 314 0.82 -23.02 4.67
CA GLY C 314 -0.51 -22.70 4.25
C GLY C 314 -1.48 -23.86 4.35
N ILE C 315 -2.76 -23.56 4.39
CA ILE C 315 -3.76 -24.58 4.49
C ILE C 315 -4.18 -25.06 3.12
N PRO C 316 -4.13 -26.39 2.90
CA PRO C 316 -4.51 -27.03 1.63
C PRO C 316 -5.99 -26.86 1.31
N ASP C 317 -6.28 -26.74 0.03
CA ASP C 317 -7.63 -26.56 -0.48
C ASP C 317 -8.81 -26.99 0.39
N ASN C 318 -9.28 -28.23 0.26
CA ASN C 318 -10.46 -28.66 1.02
C ASN C 318 -10.30 -28.88 2.51
N TRP C 319 -9.27 -28.28 3.09
CA TRP C 319 -8.99 -28.41 4.49
C TRP C 319 -9.20 -27.09 5.19
N GLY C 321 -8.52 -24.87 9.31
CA GLY C 321 -7.82 -24.90 10.58
C GLY C 321 -8.81 -25.01 11.72
N LEU C 322 -8.41 -25.53 12.86
CA LEU C 322 -9.35 -25.63 13.96
C LEU C 322 -8.69 -25.40 15.31
N ASP C 323 -7.35 -25.40 15.33
CA ASP C 323 -6.62 -25.11 16.55
C ASP C 323 -5.20 -24.69 16.29
N ALA C 324 -4.62 -23.96 17.22
CA ALA C 324 -3.24 -23.49 17.08
C ALA C 324 -2.34 -24.65 16.96
N GLY C 325 -1.28 -24.53 16.18
CA GLY C 325 -0.35 -25.63 16.06
C GLY C 325 0.51 -25.64 17.30
N PRO C 326 1.45 -26.62 17.43
CA PRO C 326 2.37 -26.79 18.55
C PRO C 326 3.28 -25.60 18.73
N LYS C 327 3.84 -25.17 17.60
CA LYS C 327 4.77 -24.06 17.63
C LYS C 327 4.14 -22.81 18.22
N SER C 328 2.89 -22.55 17.87
CA SER C 328 2.17 -21.40 18.39
C SER C 328 1.86 -21.58 19.89
N ILE C 329 1.42 -22.78 20.23
CA ILE C 329 1.05 -23.13 21.60
C ILE C 329 2.29 -23.03 22.45
N GLU C 330 3.43 -23.17 21.80
CA GLU C 330 4.71 -23.09 22.44
C GLU C 330 5.03 -21.64 22.76
N ASN C 331 4.58 -20.70 21.91
CA ASN C 331 4.87 -19.30 22.12
C ASN C 331 4.02 -18.69 23.23
N TYR C 332 2.86 -19.29 23.45
CA TYR C 332 1.97 -18.89 24.51
C TYR C 332 2.81 -18.72 25.77
N LYS C 333 3.54 -19.80 26.09
CA LYS C 333 4.41 -19.90 27.26
C LYS C 333 5.16 -18.65 27.65
N ASP C 334 5.99 -18.18 26.74
CA ASP C 334 6.79 -17.02 27.05
C ASP C 334 5.98 -15.76 27.24
N VAL C 335 5.09 -15.50 26.29
CA VAL C 335 4.25 -14.31 26.33
C VAL C 335 3.44 -14.20 27.62
N ILE C 336 2.84 -15.31 28.02
CA ILE C 336 1.98 -15.35 29.19
C ILE C 336 2.67 -15.37 30.55
N LEU C 337 3.61 -16.28 30.71
CA LEU C 337 4.31 -16.48 31.97
C LEU C 337 5.08 -15.29 32.42
N THR C 338 5.27 -14.32 31.52
CA THR C 338 5.99 -13.07 31.78
C THR C 338 5.10 -11.86 32.03
N SER C 339 3.82 -11.98 31.75
CA SER C 339 2.92 -10.86 31.94
C SER C 339 2.56 -10.76 33.38
N LYS C 340 2.23 -9.55 33.79
CA LYS C 340 1.86 -9.36 35.17
C LYS C 340 0.36 -9.24 35.38
N THR C 341 -0.43 -9.27 34.31
CA THR C 341 -1.88 -9.15 34.46
C THR C 341 -2.50 -9.58 33.15
N VAL C 342 -3.45 -10.51 33.21
CA VAL C 342 -4.04 -11.06 32.00
C VAL C 342 -5.53 -10.94 31.89
N ILE C 343 -6.01 -10.52 30.72
CA ILE C 343 -7.46 -10.41 30.44
C ILE C 343 -7.63 -11.35 29.28
N TRP C 344 -8.41 -12.39 29.48
CA TRP C 344 -8.62 -13.39 28.45
C TRP C 344 -10.04 -13.42 28.08
N ASN C 345 -10.36 -13.31 26.82
CA ASN C 345 -11.75 -13.41 26.45
C ASN C 345 -11.80 -14.07 25.10
N GLY C 346 -11.97 -15.39 25.11
CA GLY C 346 -12.06 -16.14 23.87
C GLY C 346 -11.22 -17.42 23.75
N PRO C 347 -11.83 -18.58 23.46
CA PRO C 347 -11.03 -19.78 23.32
C PRO C 347 -10.23 -19.73 22.03
N GLN C 348 -9.12 -20.46 22.00
CA GLN C 348 -8.27 -20.46 20.84
C GLN C 348 -8.53 -21.51 19.79
N GLY C 349 -9.65 -22.23 19.88
CA GLY C 349 -9.98 -23.27 18.91
C GLY C 349 -11.31 -23.88 19.31
N VAL C 350 -11.89 -24.79 18.51
CA VAL C 350 -13.20 -25.41 18.87
C VAL C 350 -13.07 -26.40 20.04
N PHE C 351 -12.91 -25.86 21.25
CA PHE C 351 -12.74 -26.69 22.41
C PHE C 351 -13.92 -27.63 22.67
N GLU C 352 -15.06 -27.34 22.04
CA GLU C 352 -16.20 -28.23 22.22
C GLU C 352 -15.94 -29.54 21.54
N PRO C 354 -12.99 -32.40 21.30
CA PRO C 354 -11.77 -32.96 21.86
C PRO C 354 -10.52 -32.79 21.02
N ASN C 355 -10.57 -33.18 19.78
CA ASN C 355 -9.36 -33.07 18.99
C ASN C 355 -8.93 -31.68 18.60
N PHE C 356 -9.71 -30.67 18.95
CA PHE C 356 -9.36 -29.33 18.60
C PHE C 356 -9.47 -28.39 19.80
N ALA C 357 -9.11 -28.88 20.98
CA ALA C 357 -9.23 -28.04 22.15
C ALA C 357 -7.92 -27.93 22.90
N LYS C 358 -6.91 -28.68 22.49
CA LYS C 358 -5.66 -28.62 23.21
C LYS C 358 -5.12 -27.21 23.29
N GLY C 359 -5.20 -26.50 22.16
CA GLY C 359 -4.75 -25.12 22.14
C GLY C 359 -5.42 -24.34 23.27
N SER C 360 -6.73 -24.24 23.25
CA SER C 360 -7.49 -23.50 24.26
C SER C 360 -7.22 -23.92 25.69
N ILE C 361 -7.05 -25.22 25.85
CA ILE C 361 -6.77 -25.88 27.12
C ILE C 361 -5.39 -25.47 27.60
N GLU C 362 -4.40 -25.64 26.73
CA GLU C 362 -3.01 -25.32 27.07
C GLU C 362 -2.83 -23.83 27.43
N CYS C 363 -3.65 -22.99 26.82
CA CYS C 363 -3.64 -21.58 27.10
C CYS C 363 -4.12 -21.53 28.56
N LEU C 364 -5.28 -22.14 28.86
CA LEU C 364 -5.81 -22.16 30.22
C LEU C 364 -4.78 -22.57 31.22
N ASN C 365 -4.09 -23.67 30.95
CA ASN C 365 -3.09 -24.11 31.92
C ASN C 365 -2.04 -23.02 32.18
N LEU C 366 -1.47 -22.47 31.14
CA LEU C 366 -0.49 -21.39 31.28
C LEU C 366 -1.00 -20.19 32.09
N VAL C 367 -2.28 -19.87 31.99
CA VAL C 367 -2.84 -18.73 32.72
C VAL C 367 -2.95 -19.08 34.18
N VAL C 368 -3.47 -20.27 34.47
CA VAL C 368 -3.57 -20.71 35.85
C VAL C 368 -2.18 -20.74 36.50
N GLU C 369 -1.14 -20.87 35.70
CA GLU C 369 0.19 -20.93 36.23
C GLU C 369 0.75 -19.56 36.57
N VAL C 370 0.48 -18.56 35.74
CA VAL C 370 0.98 -17.22 36.03
C VAL C 370 0.17 -16.65 37.16
N THR C 371 -1.02 -17.22 37.37
CA THR C 371 -1.86 -16.70 38.44
C THR C 371 -1.13 -17.05 39.70
N LYS C 372 -0.65 -18.30 39.75
CA LYS C 372 0.11 -18.85 40.86
C LYS C 372 1.37 -18.03 41.03
N LYS C 373 1.90 -17.48 39.95
CA LYS C 373 3.10 -16.69 40.05
C LYS C 373 2.81 -15.36 40.65
N GLY C 374 1.52 -15.06 40.80
CA GLY C 374 1.12 -13.78 41.38
C GLY C 374 0.60 -12.70 40.44
N ALA C 375 0.14 -13.10 39.26
CA ALA C 375 -0.39 -12.14 38.28
C ALA C 375 -1.92 -12.16 38.41
N ILE C 376 -2.56 -11.01 38.24
CA ILE C 376 -4.01 -10.97 38.35
C ILE C 376 -4.55 -11.42 37.00
N THR C 377 -5.38 -12.46 36.95
CA THR C 377 -5.93 -12.96 35.69
C THR C 377 -7.43 -12.83 35.63
N ILE C 378 -7.99 -12.51 34.46
CA ILE C 378 -9.43 -12.36 34.37
C ILE C 378 -10.04 -13.02 33.16
N VAL C 379 -11.20 -13.67 33.33
CA VAL C 379 -11.88 -14.33 32.25
C VAL C 379 -13.23 -13.69 32.08
N GLY C 380 -13.64 -13.38 30.84
CA GLY C 380 -14.92 -12.73 30.73
C GLY C 380 -15.97 -13.37 29.88
N GLY C 381 -15.56 -13.77 28.68
CA GLY C 381 -16.47 -14.40 27.74
C GLY C 381 -17.17 -15.62 28.32
N GLY C 382 -18.39 -15.84 27.88
CA GLY C 382 -19.12 -16.97 28.38
C GLY C 382 -18.47 -18.25 27.90
N ASP C 383 -18.19 -18.32 26.61
CA ASP C 383 -17.60 -19.52 26.05
C ASP C 383 -16.32 -19.92 26.74
N THR C 384 -15.51 -18.91 27.02
CA THR C 384 -14.24 -19.04 27.71
C THR C 384 -14.55 -19.52 29.13
N ALA C 385 -15.53 -18.92 29.79
CA ALA C 385 -15.89 -19.32 31.14
C ALA C 385 -16.16 -20.81 31.17
N SER C 386 -17.01 -21.26 30.27
CA SER C 386 -17.37 -22.66 30.18
C SER C 386 -16.12 -23.46 30.14
N LEU C 387 -15.16 -23.05 29.33
CA LEU C 387 -13.92 -23.82 29.24
C LEU C 387 -13.34 -23.97 30.64
N VAL C 388 -13.43 -22.93 31.45
CA VAL C 388 -12.96 -22.96 32.82
C VAL C 388 -13.90 -23.91 33.60
N GLU C 389 -15.17 -23.88 33.28
CA GLU C 389 -16.14 -24.70 33.97
C GLU C 389 -15.96 -26.14 33.65
N GLN C 390 -15.85 -26.47 32.38
CA GLN C 390 -15.68 -27.85 32.05
C GLN C 390 -14.45 -28.39 32.75
N GLN C 391 -13.34 -27.66 32.75
CA GLN C 391 -12.10 -28.12 33.41
C GLN C 391 -12.19 -27.87 34.91
N ASN C 392 -13.27 -27.26 35.33
CA ASN C 392 -13.43 -27.01 36.72
C ASN C 392 -12.20 -26.42 37.44
N LYS C 393 -11.85 -25.20 37.03
CA LYS C 393 -10.69 -24.43 37.52
C LYS C 393 -11.06 -23.00 37.80
N LYS C 394 -12.32 -22.78 38.15
CA LYS C 394 -12.81 -21.44 38.43
C LYS C 394 -11.98 -20.72 39.44
N ASN C 395 -11.71 -21.27 40.61
CA ASN C 395 -10.94 -20.45 41.53
C ASN C 395 -9.44 -20.63 41.43
N GLU C 396 -8.97 -20.87 40.22
CA GLU C 396 -7.56 -21.05 39.92
C GLU C 396 -7.13 -19.82 39.15
N ILE C 397 -8.16 -19.08 38.77
CA ILE C 397 -8.10 -17.85 38.01
C ILE C 397 -8.54 -16.79 38.98
N SER C 398 -7.91 -15.62 38.90
CA SER C 398 -8.25 -14.51 39.79
C SER C 398 -9.71 -14.11 39.92
N HIS C 399 -10.39 -14.03 38.79
CA HIS C 399 -11.80 -13.66 38.80
C HIS C 399 -12.37 -14.04 37.50
N VAL C 400 -13.45 -14.82 37.51
CA VAL C 400 -14.11 -15.21 36.27
C VAL C 400 -15.35 -14.35 36.17
N SER C 401 -15.34 -13.27 35.38
CA SER C 401 -16.55 -12.42 35.31
C SER C 401 -17.80 -13.10 34.85
N THR C 402 -18.80 -13.18 35.71
CA THR C 402 -20.04 -13.82 35.29
C THR C 402 -20.83 -12.96 34.31
N GLY C 403 -20.62 -11.65 34.46
CA GLY C 403 -21.27 -10.63 33.64
C GLY C 403 -21.20 -10.90 32.16
N GLY C 404 -22.37 -11.11 31.59
CA GLY C 404 -22.48 -11.40 30.18
C GLY C 404 -22.04 -10.17 29.43
N GLY C 405 -23.03 -9.44 28.93
CA GLY C 405 -22.74 -8.25 28.15
C GLY C 405 -22.06 -7.26 29.03
N ALA C 406 -22.40 -7.21 30.30
CA ALA C 406 -21.78 -6.24 31.16
C ALA C 406 -20.24 -6.17 31.06
N SER C 407 -19.56 -7.27 31.37
CA SER C 407 -18.12 -7.32 31.34
C SER C 407 -17.60 -7.00 29.98
N LEU C 408 -18.27 -7.50 28.99
CA LEU C 408 -17.79 -7.27 27.67
C LEU C 408 -17.98 -5.84 27.26
N GLU C 409 -19.06 -5.21 27.69
CA GLU C 409 -19.28 -3.81 27.32
C GLU C 409 -18.20 -3.01 27.99
N LEU C 410 -17.90 -3.39 29.23
CA LEU C 410 -16.88 -2.71 30.02
C LEU C 410 -15.59 -2.76 29.28
N LEU C 411 -15.10 -3.95 28.94
CA LEU C 411 -13.83 -4.03 28.24
C LEU C 411 -13.80 -3.22 26.93
N GLU C 412 -14.96 -2.91 26.35
CA GLU C 412 -15.04 -2.14 25.10
C GLU C 412 -14.96 -0.67 25.37
N GLY C 413 -14.86 -0.29 26.62
CA GLY C 413 -14.81 1.12 26.88
C GLY C 413 -16.13 1.74 27.27
N LYS C 414 -17.28 1.13 26.94
CA LYS C 414 -18.57 1.70 27.31
C LYS C 414 -18.78 1.84 28.82
N GLU C 415 -19.53 2.85 29.26
CA GLU C 415 -19.75 3.02 30.69
C GLU C 415 -20.91 2.20 31.16
N LEU C 416 -20.87 1.71 32.40
CA LEU C 416 -21.98 0.89 32.87
C LEU C 416 -22.92 1.67 33.79
N PRO C 417 -24.11 2.05 33.29
CA PRO C 417 -25.06 2.81 34.11
C PRO C 417 -25.37 2.16 35.44
N GLY C 418 -25.30 0.85 35.46
CA GLY C 418 -25.61 0.11 36.67
C GLY C 418 -24.60 0.43 37.71
N VAL C 419 -23.40 0.64 37.25
CA VAL C 419 -22.36 0.97 38.15
C VAL C 419 -22.43 2.47 38.48
N LEU C 420 -22.52 3.32 37.46
CA LEU C 420 -22.62 4.76 37.64
C LEU C 420 -23.67 5.18 38.67
N ALA C 421 -24.72 4.38 38.81
CA ALA C 421 -25.80 4.72 39.72
C ALA C 421 -25.52 4.49 41.21
N LEU C 422 -24.35 3.92 41.50
CA LEU C 422 -23.94 3.61 42.86
C LEU C 422 -23.18 4.76 43.50
N SER C 423 -23.29 4.88 44.81
CA SER C 423 -22.62 5.92 45.54
C SER C 423 -21.12 5.67 45.54
N ASN C 424 -20.33 6.72 45.70
CA ASN C 424 -18.88 6.57 45.68
C ASN C 424 -18.32 6.20 47.04
N LYS C 425 -16.99 6.33 47.16
CA LYS C 425 -16.26 6.05 48.40
C LYS C 425 -16.25 4.54 48.67
#